data_8BIV
#
_entry.id   8BIV
#
_cell.length_a   157.738
_cell.length_b   157.738
_cell.length_c   93.331
_cell.angle_alpha   90.00
_cell.angle_beta   90.00
_cell.angle_gamma   120.00
#
_symmetry.space_group_name_H-M   'P 3 2 1'
#
loop_
_entity.id
_entity.type
_entity.pdbx_description
1 polymer 'Cystathionine beta-lyase, putative'
2 non-polymer "PYRIDOXAL-5'-PHOSPHATE"
3 non-polymer GLYCEROL
4 water water
#
_entity_poly.entity_id   1
_entity_poly.type   'polypeptide(L)'
_entity_poly.pdbx_seq_one_letter_code
;MASKQNDKDGAVRRDASFECGVKAGDWLPGFTPREETVYVHGGVEPDPLTGAILPPIYQNTTFVQESVENYLSKGFSYSR
TSNPTVLSLEKKIAEIEGGFGACCFATGMAATVTIFSAFLAPGDHCLVTNCSYGGTNRCARLHFSKYNIDFEFIDFRDPT
NVEKAIRPQTKVVFSESPCNPTLYLADIEAISQICKEKKVLHVCDSTFATPYMMRPLDLGADIVVQSTTKYYDGHNCTLG
GAVISSTKEIHDKVFFLRNVMGNIMSAQTAFYTLLTLKTLPIRVEKQSANAQKIAEFLSKHHKVEHVIYPGIPSFPQKEL
ALKQHKNVHGGMLAFEVKGGTEAGIRMMNHVPRPWSLCESLGACESIITCPAVFTHANMLREDRLKVGITDGFIRVSVGI
EDVNDLIDGLDYALSKA
;
_entity_poly.pdbx_strand_id   A,E
#
# COMPACT_ATOMS: atom_id res chain seq x y z
N GLY A 21 27.49 19.85 -30.65
CA GLY A 21 26.40 20.87 -30.60
C GLY A 21 25.50 20.70 -29.40
N VAL A 22 26.10 20.53 -28.21
CA VAL A 22 25.38 20.38 -26.91
C VAL A 22 25.02 21.78 -26.39
N LYS A 23 23.75 22.01 -26.09
CA LYS A 23 23.21 23.28 -25.51
C LYS A 23 22.84 23.02 -24.05
N ALA A 24 22.43 24.08 -23.33
CA ALA A 24 21.89 24.01 -21.95
C ALA A 24 20.72 23.01 -21.94
N GLY A 25 20.63 22.19 -20.89
CA GLY A 25 19.57 21.18 -20.71
C GLY A 25 19.96 19.81 -21.23
N ASP A 26 21.11 19.70 -21.91
CA ASP A 26 21.62 18.42 -22.47
C ASP A 26 22.79 17.92 -21.62
N TRP A 27 22.92 16.60 -21.46
CA TRP A 27 24.14 15.92 -20.95
C TRP A 27 25.18 15.88 -22.06
N LEU A 28 26.46 15.84 -21.72
CA LEU A 28 27.56 15.60 -22.70
C LEU A 28 27.41 14.19 -23.24
N PRO A 29 27.42 13.98 -24.57
CA PRO A 29 27.23 12.65 -25.15
C PRO A 29 28.42 11.73 -24.84
N GLY A 30 28.15 10.47 -24.52
CA GLY A 30 29.18 9.43 -24.29
C GLY A 30 29.81 9.51 -22.90
N PHE A 31 29.30 10.38 -22.02
CA PHE A 31 29.74 10.52 -20.60
C PHE A 31 28.71 9.85 -19.69
N THR A 32 29.14 8.88 -18.88
CA THR A 32 28.37 8.36 -17.72
C THR A 32 28.52 9.36 -16.58
N PRO A 33 27.43 10.02 -16.12
CA PRO A 33 27.51 10.87 -14.94
C PRO A 33 28.02 10.07 -13.74
N ARG A 34 28.79 10.71 -12.85
CA ARG A 34 29.38 10.07 -11.65
C ARG A 34 28.27 9.83 -10.61
N GLU A 35 28.57 9.00 -9.61
CA GLU A 35 27.61 8.43 -8.63
C GLU A 35 26.79 9.54 -7.97
N GLU A 36 27.45 10.51 -7.33
CA GLU A 36 26.80 11.61 -6.56
C GLU A 36 25.88 12.43 -7.49
N THR A 37 26.30 12.65 -8.74
CA THR A 37 25.50 13.37 -9.76
C THR A 37 24.19 12.60 -9.99
N VAL A 38 24.25 11.27 -10.05
CA VAL A 38 23.06 10.40 -10.30
C VAL A 38 22.12 10.50 -9.10
N TYR A 39 22.63 10.59 -7.88
CA TYR A 39 21.82 10.75 -6.65
C TYR A 39 21.06 12.08 -6.71
N VAL A 40 21.68 13.14 -7.24
CA VAL A 40 21.05 14.49 -7.32
C VAL A 40 20.04 14.51 -8.48
N HIS A 41 20.42 14.01 -9.66
CA HIS A 41 19.71 14.27 -10.96
C HIS A 41 19.07 13.00 -11.54
N GLY A 42 19.42 11.81 -11.05
CA GLY A 42 18.96 10.52 -11.61
C GLY A 42 17.46 10.51 -11.85
N GLY A 43 17.04 10.12 -13.05
CA GLY A 43 15.63 9.85 -13.42
C GLY A 43 14.78 11.11 -13.51
N VAL A 44 15.39 12.30 -13.38
CA VAL A 44 14.66 13.61 -13.31
C VAL A 44 15.36 14.62 -14.24
N GLU A 45 14.61 15.18 -15.19
CA GLU A 45 14.98 16.38 -15.97
C GLU A 45 14.03 17.50 -15.60
N PRO A 46 14.35 18.78 -15.90
CA PRO A 46 13.40 19.87 -15.70
C PRO A 46 12.07 19.57 -16.40
N ASP A 47 10.95 19.99 -15.78
CA ASP A 47 9.59 19.81 -16.35
C ASP A 47 9.58 20.37 -17.77
N PRO A 48 9.28 19.53 -18.80
CA PRO A 48 9.24 20.01 -20.18
C PRO A 48 8.31 21.22 -20.38
N LEU A 49 7.19 21.25 -19.67
CA LEU A 49 6.11 22.26 -19.86
C LEU A 49 6.53 23.63 -19.30
N THR A 50 7.14 23.67 -18.10
CA THR A 50 7.40 24.91 -17.33
C THR A 50 8.90 25.13 -17.06
N GLY A 51 9.74 24.09 -17.18
CA GLY A 51 11.17 24.14 -16.83
C GLY A 51 11.41 23.98 -15.34
N ALA A 52 10.37 23.68 -14.55
CA ALA A 52 10.47 23.43 -13.09
C ALA A 52 11.61 22.45 -12.81
N ILE A 53 12.59 22.86 -12.01
CA ILE A 53 13.85 22.10 -11.74
C ILE A 53 13.50 20.78 -11.03
N LEU A 54 12.48 20.79 -10.16
CA LEU A 54 11.92 19.58 -9.52
C LEU A 54 10.71 19.12 -10.32
N PRO A 55 10.42 17.81 -10.36
CA PRO A 55 9.23 17.31 -11.05
C PRO A 55 8.00 17.70 -10.23
N PRO A 56 6.91 18.21 -10.84
CA PRO A 56 5.70 18.53 -10.11
C PRO A 56 5.07 17.29 -9.47
N ILE A 57 4.35 17.47 -8.36
CA ILE A 57 3.66 16.36 -7.62
C ILE A 57 2.33 16.10 -8.32
N TYR A 58 2.19 14.92 -8.94
CA TYR A 58 0.93 14.50 -9.61
C TYR A 58 0.00 13.91 -8.53
N GLN A 59 -0.51 14.80 -7.68
CA GLN A 59 -1.52 14.49 -6.63
C GLN A 59 -2.87 14.34 -7.33
N ASN A 60 -3.05 13.19 -7.98
CA ASN A 60 -4.01 13.01 -9.10
C ASN A 60 -4.30 11.52 -9.26
N THR A 61 -5.59 11.15 -9.35
CA THR A 61 -6.07 9.75 -9.42
C THR A 61 -6.03 9.24 -10.87
N THR A 62 -6.68 9.96 -11.78
CA THR A 62 -6.97 9.50 -13.17
C THR A 62 -6.41 10.49 -14.19
N PHE A 63 -6.16 10.01 -15.41
CA PHE A 63 -5.55 10.77 -16.52
C PHE A 63 -6.49 10.74 -17.73
N VAL A 64 -6.78 11.92 -18.29
CA VAL A 64 -7.71 12.12 -19.43
C VAL A 64 -7.02 11.59 -20.69
N GLN A 65 -7.75 10.85 -21.53
CA GLN A 65 -7.27 10.25 -22.80
C GLN A 65 -7.72 11.13 -23.97
N GLU A 66 -6.87 11.28 -24.99
CA GLU A 66 -7.14 12.09 -26.21
C GLU A 66 -8.35 11.53 -26.95
N SER A 67 -8.41 10.20 -27.09
CA SER A 67 -9.47 9.45 -27.82
C SER A 67 -9.39 7.98 -27.42
N VAL A 68 -10.34 7.17 -27.90
CA VAL A 68 -10.40 5.71 -27.64
C VAL A 68 -9.17 5.05 -28.28
N GLU A 69 -8.75 5.54 -29.46
CA GLU A 69 -7.63 4.97 -30.26
C GLU A 69 -6.29 5.26 -29.56
N ASN A 70 -6.06 6.52 -29.17
CA ASN A 70 -4.81 6.98 -28.50
C ASN A 70 -4.92 6.77 -26.98
N TYR A 71 -5.55 5.68 -26.54
CA TYR A 71 -5.54 5.23 -25.12
C TYR A 71 -4.09 5.01 -24.69
N LEU A 72 -3.69 5.66 -23.59
CA LEU A 72 -2.35 5.54 -22.94
C LEU A 72 -1.25 6.13 -23.84
N SER A 73 -1.58 7.03 -24.78
CA SER A 73 -0.61 7.69 -25.69
C SER A 73 0.34 8.59 -24.89
N LYS A 74 -0.12 9.14 -23.76
CA LYS A 74 0.70 10.01 -22.86
C LYS A 74 1.26 9.18 -21.70
N GLY A 75 0.95 7.88 -21.64
CA GLY A 75 1.66 6.89 -20.80
C GLY A 75 0.97 6.61 -19.48
N PHE A 76 -0.12 7.32 -19.16
CA PHE A 76 -0.81 7.25 -17.84
C PHE A 76 -2.32 7.14 -18.03
N SER A 77 -2.98 6.39 -17.13
CA SER A 77 -4.44 6.15 -17.10
C SER A 77 -4.97 6.26 -15.68
N TYR A 78 -4.33 5.60 -14.71
CA TYR A 78 -4.79 5.49 -13.30
C TYR A 78 -3.59 5.34 -12.37
N SER A 79 -3.58 6.07 -11.25
CA SER A 79 -2.41 6.23 -10.34
C SER A 79 -2.10 4.95 -9.57
N ARG A 80 -3.06 4.04 -9.39
CA ARG A 80 -2.80 2.71 -8.75
C ARG A 80 -1.84 1.91 -9.65
N THR A 81 -1.95 2.08 -10.98
CA THR A 81 -1.16 1.34 -12.00
C THR A 81 0.22 2.00 -12.14
N SER A 82 0.23 3.31 -12.39
CA SER A 82 1.46 4.12 -12.54
C SER A 82 1.12 5.61 -12.36
N ASN A 83 2.08 6.37 -11.84
CA ASN A 83 1.96 7.83 -11.57
C ASN A 83 3.26 8.49 -12.03
N PRO A 84 3.23 9.67 -12.69
CA PRO A 84 4.44 10.30 -13.22
C PRO A 84 5.52 10.58 -12.17
N THR A 85 5.13 11.02 -10.96
CA THR A 85 6.08 11.33 -9.86
C THR A 85 6.72 10.03 -9.36
N VAL A 86 5.92 8.98 -9.21
CA VAL A 86 6.38 7.64 -8.76
C VAL A 86 7.35 7.08 -9.80
N LEU A 87 7.04 7.23 -11.10
CA LEU A 87 7.86 6.72 -12.21
C LEU A 87 9.23 7.43 -12.22
N SER A 88 9.27 8.73 -11.94
CA SER A 88 10.52 9.53 -11.83
C SER A 88 11.42 8.91 -10.76
N LEU A 89 10.87 8.66 -9.57
CA LEU A 89 11.63 8.03 -8.44
C LEU A 89 12.12 6.65 -8.88
N GLU A 90 11.25 5.84 -9.49
CA GLU A 90 11.56 4.46 -9.96
C GLU A 90 12.75 4.49 -10.92
N LYS A 91 12.78 5.46 -11.84
CA LYS A 91 13.90 5.62 -12.81
C LYS A 91 15.20 5.93 -12.05
N LYS A 92 15.14 6.84 -11.07
CA LYS A 92 16.32 7.23 -10.23
C LYS A 92 16.82 5.99 -9.48
N ILE A 93 15.92 5.25 -8.83
CA ILE A 93 16.26 4.08 -7.97
C ILE A 93 16.89 2.98 -8.83
N ALA A 94 16.34 2.73 -10.02
CA ALA A 94 16.84 1.71 -10.98
C ALA A 94 18.27 2.06 -11.42
N GLU A 95 18.56 3.35 -11.63
CA GLU A 95 19.90 3.85 -12.01
C GLU A 95 20.87 3.67 -10.82
N ILE A 96 20.45 4.08 -9.62
CA ILE A 96 21.29 4.04 -8.39
C ILE A 96 21.61 2.58 -8.02
N GLU A 97 20.63 1.67 -8.12
CA GLU A 97 20.78 0.25 -7.71
C GLU A 97 21.38 -0.59 -8.86
N GLY A 98 21.43 -0.04 -10.08
CA GLY A 98 22.01 -0.70 -11.26
C GLY A 98 21.10 -1.79 -11.80
N GLY A 99 19.78 -1.52 -11.87
CA GLY A 99 18.76 -2.48 -12.33
C GLY A 99 18.15 -2.06 -13.65
N PHE A 100 17.44 -2.98 -14.31
CA PHE A 100 16.66 -2.70 -15.54
C PHE A 100 15.52 -1.74 -15.19
N GLY A 101 14.77 -2.05 -14.13
CA GLY A 101 13.60 -1.27 -13.70
C GLY A 101 13.37 -1.37 -12.21
N ALA A 102 12.62 -0.41 -11.65
CA ALA A 102 12.20 -0.37 -10.23
C ALA A 102 10.69 -0.17 -10.15
N CYS A 103 10.06 -0.79 -9.15
CA CYS A 103 8.65 -0.56 -8.74
C CYS A 103 8.66 -0.06 -7.30
N CYS A 104 8.01 1.09 -7.05
CA CYS A 104 7.90 1.71 -5.70
C CYS A 104 6.57 1.32 -5.06
N PHE A 105 6.59 1.05 -3.76
CA PHE A 105 5.46 0.51 -2.96
C PHE A 105 5.22 1.42 -1.75
N ALA A 106 4.04 1.28 -1.12
CA ALA A 106 3.60 2.03 0.08
C ALA A 106 4.60 1.81 1.23
N THR A 107 5.19 0.61 1.32
CA THR A 107 6.13 0.22 2.40
C THR A 107 7.12 -0.82 1.88
N GLY A 108 8.22 -1.02 2.61
CA GLY A 108 9.19 -2.11 2.37
C GLY A 108 8.54 -3.48 2.49
N MET A 109 7.64 -3.66 3.46
CA MET A 109 6.91 -4.94 3.64
C MET A 109 6.04 -5.24 2.42
N ALA A 110 5.41 -4.20 1.82
CA ALA A 110 4.60 -4.32 0.59
C ALA A 110 5.48 -4.82 -0.56
N ALA A 111 6.69 -4.26 -0.69
CA ALA A 111 7.71 -4.68 -1.67
C ALA A 111 8.05 -6.16 -1.48
N THR A 112 8.38 -6.55 -0.24
CA THR A 112 8.74 -7.94 0.14
C THR A 112 7.58 -8.89 -0.18
N VAL A 113 6.39 -8.55 0.30
CA VAL A 113 5.14 -9.37 0.15
C VAL A 113 4.84 -9.58 -1.33
N THR A 114 5.08 -8.57 -2.17
CA THR A 114 4.85 -8.62 -3.65
C THR A 114 5.81 -9.64 -4.29
N ILE A 115 7.07 -9.68 -3.82
CA ILE A 115 8.09 -10.68 -4.27
C ILE A 115 7.55 -12.08 -3.96
N PHE A 116 7.16 -12.32 -2.71
CA PHE A 116 6.63 -13.64 -2.24
C PHE A 116 5.35 -14.00 -3.00
N SER A 117 4.49 -13.01 -3.27
CA SER A 117 3.20 -13.18 -4.00
C SER A 117 3.46 -13.59 -5.44
N ALA A 118 4.46 -12.99 -6.10
CA ALA A 118 4.76 -13.12 -7.55
C ALA A 118 5.49 -14.43 -7.85
N PHE A 119 6.48 -14.81 -7.03
CA PHE A 119 7.53 -15.82 -7.40
C PHE A 119 7.40 -17.09 -6.57
N LEU A 120 6.41 -17.19 -5.67
CA LEU A 120 6.14 -18.42 -4.87
C LEU A 120 4.69 -18.86 -5.08
N ALA A 121 4.51 -20.18 -5.23
CA ALA A 121 3.21 -20.87 -5.38
C ALA A 121 3.19 -22.08 -4.45
N PRO A 122 2.01 -22.72 -4.20
CA PRO A 122 1.95 -23.89 -3.33
C PRO A 122 2.93 -24.99 -3.77
N GLY A 123 3.61 -25.61 -2.81
CA GLY A 123 4.62 -26.67 -3.04
C GLY A 123 6.04 -26.11 -3.12
N ASP A 124 6.18 -24.79 -3.30
CA ASP A 124 7.51 -24.13 -3.51
C ASP A 124 8.25 -24.03 -2.17
N HIS A 125 9.57 -24.15 -2.24
CA HIS A 125 10.52 -23.98 -1.11
C HIS A 125 11.21 -22.61 -1.26
N CYS A 126 11.47 -21.94 -0.14
CA CYS A 126 12.11 -20.61 -0.08
C CYS A 126 13.14 -20.60 1.06
N LEU A 127 14.42 -20.40 0.74
CA LEU A 127 15.51 -20.24 1.73
C LEU A 127 15.55 -18.77 2.17
N VAL A 128 15.38 -18.53 3.47
CA VAL A 128 15.46 -17.17 4.08
C VAL A 128 16.54 -17.20 5.15
N THR A 129 17.32 -16.12 5.25
CA THR A 129 18.28 -15.86 6.34
C THR A 129 17.52 -15.90 7.67
N ASN A 130 18.01 -16.68 8.64
CA ASN A 130 17.35 -16.90 9.96
C ASN A 130 17.37 -15.59 10.77
N CYS A 131 18.27 -14.67 10.42
CA CYS A 131 18.35 -13.29 10.98
C CYS A 131 17.79 -12.27 9.98
N SER A 132 16.78 -12.67 9.20
CA SER A 132 15.98 -11.75 8.36
C SER A 132 15.29 -10.72 9.26
N TYR A 133 14.83 -9.60 8.70
CA TYR A 133 14.00 -8.60 9.40
C TYR A 133 12.78 -9.32 9.98
N GLY A 134 12.42 -8.99 11.23
CA GLY A 134 11.31 -9.63 11.98
C GLY A 134 10.02 -9.68 11.18
N GLY A 135 9.70 -8.59 10.46
CA GLY A 135 8.49 -8.47 9.61
C GLY A 135 8.50 -9.48 8.47
N THR A 136 9.62 -9.59 7.75
CA THR A 136 9.85 -10.56 6.64
C THR A 136 9.70 -11.99 7.16
N ASN A 137 10.24 -12.26 8.34
CA ASN A 137 10.20 -13.58 9.03
C ASN A 137 8.74 -13.95 9.31
N ARG A 138 7.98 -13.05 9.94
CA ARG A 138 6.59 -13.29 10.40
C ARG A 138 5.64 -13.46 9.20
N CYS A 139 5.75 -12.60 8.18
CA CYS A 139 4.89 -12.62 6.96
C CYS A 139 5.11 -13.93 6.18
N ALA A 140 6.31 -14.50 6.27
CA ALA A 140 6.63 -15.84 5.72
C ALA A 140 5.94 -16.91 6.57
N ARG A 141 6.22 -16.92 7.87
CA ARG A 141 5.74 -17.95 8.84
C ARG A 141 4.22 -17.86 9.01
N LEU A 142 3.70 -16.68 9.34
CA LEU A 142 2.32 -16.50 9.86
C LEU A 142 1.32 -16.19 8.73
N HIS A 143 1.75 -16.09 7.46
CA HIS A 143 0.83 -15.82 6.33
C HIS A 143 1.10 -16.76 5.15
N PHE A 144 2.20 -16.58 4.42
CA PHE A 144 2.47 -17.22 3.11
C PHE A 144 2.62 -18.74 3.26
N SER A 145 2.96 -19.23 4.46
CA SER A 145 3.11 -20.68 4.75
C SER A 145 1.75 -21.37 4.70
N LYS A 146 0.65 -20.63 4.91
CA LYS A 146 -0.74 -21.16 4.85
C LYS A 146 -1.07 -21.56 3.40
N TYR A 147 -0.32 -21.04 2.41
CA TYR A 147 -0.46 -21.40 0.97
C TYR A 147 0.42 -22.61 0.63
N ASN A 148 0.85 -23.39 1.63
CA ASN A 148 1.73 -24.58 1.46
C ASN A 148 3.02 -24.17 0.75
N ILE A 149 3.57 -23.02 1.12
CA ILE A 149 4.95 -22.59 0.75
C ILE A 149 5.84 -22.89 1.95
N ASP A 150 6.94 -23.61 1.75
CA ASP A 150 7.90 -23.99 2.82
C ASP A 150 9.02 -22.96 2.88
N PHE A 151 9.03 -22.13 3.92
CA PHE A 151 10.14 -21.20 4.26
C PHE A 151 11.07 -21.90 5.25
N GLU A 152 12.33 -22.11 4.84
CA GLU A 152 13.40 -22.69 5.70
C GLU A 152 14.38 -21.59 6.07
N PHE A 153 14.50 -21.32 7.38
CA PHE A 153 15.38 -20.28 7.98
C PHE A 153 16.74 -20.91 8.29
N ILE A 154 17.79 -20.48 7.57
CA ILE A 154 19.17 -21.06 7.66
C ILE A 154 20.19 -19.94 7.87
N ASP A 155 21.42 -20.32 8.22
CA ASP A 155 22.59 -19.42 8.44
C ASP A 155 23.18 -19.08 7.06
N PHE A 156 23.12 -17.82 6.65
CA PHE A 156 23.57 -17.32 5.32
C PHE A 156 25.04 -16.89 5.37
N ARG A 157 25.67 -16.91 6.55
CA ARG A 157 27.07 -16.44 6.76
C ARG A 157 28.05 -17.30 5.95
N ASP A 158 27.77 -18.60 5.81
CA ASP A 158 28.55 -19.54 4.95
C ASP A 158 27.74 -19.80 3.69
N PRO A 159 28.21 -19.41 2.49
CA PRO A 159 27.46 -19.64 1.24
C PRO A 159 27.19 -21.12 0.94
N THR A 160 28.02 -22.03 1.44
CA THR A 160 27.88 -23.50 1.23
C THR A 160 26.64 -24.00 1.98
N ASN A 161 26.30 -23.39 3.12
CA ASN A 161 25.03 -23.65 3.86
C ASN A 161 23.84 -23.45 2.90
N VAL A 162 23.85 -22.37 2.12
CA VAL A 162 22.80 -22.04 1.11
C VAL A 162 22.80 -23.13 0.03
N GLU A 163 23.96 -23.42 -0.55
CA GLU A 163 24.12 -24.40 -1.67
C GLU A 163 23.62 -25.78 -1.23
N LYS A 164 23.94 -26.20 0.01
CA LYS A 164 23.59 -27.53 0.56
C LYS A 164 22.09 -27.58 0.93
N ALA A 165 21.50 -26.43 1.29
CA ALA A 165 20.11 -26.31 1.78
C ALA A 165 19.11 -26.21 0.60
N ILE A 166 19.60 -26.00 -0.63
CA ILE A 166 18.73 -25.89 -1.84
C ILE A 166 18.14 -27.26 -2.15
N ARG A 167 16.80 -27.33 -2.26
CA ARG A 167 16.01 -28.54 -2.59
C ARG A 167 15.55 -28.44 -4.03
N PRO A 168 15.03 -29.53 -4.66
CA PRO A 168 14.46 -29.44 -6.00
C PRO A 168 13.30 -28.42 -6.14
N GLN A 169 12.60 -28.12 -5.04
CA GLN A 169 11.41 -27.22 -5.02
C GLN A 169 11.81 -25.77 -4.67
N THR A 170 13.10 -25.49 -4.46
CA THR A 170 13.59 -24.12 -4.14
C THR A 170 13.38 -23.22 -5.36
N LYS A 171 12.63 -22.13 -5.20
CA LYS A 171 12.34 -21.13 -6.26
C LYS A 171 13.06 -19.81 -5.95
N VAL A 172 13.19 -19.46 -4.66
CA VAL A 172 13.73 -18.15 -4.20
C VAL A 172 14.74 -18.40 -3.06
N VAL A 173 15.89 -17.73 -3.13
CA VAL A 173 16.83 -17.54 -1.99
C VAL A 173 16.73 -16.06 -1.60
N PHE A 174 16.32 -15.78 -0.35
CA PHE A 174 16.08 -14.42 0.17
C PHE A 174 17.17 -14.08 1.19
N SER A 175 18.21 -13.38 0.74
CA SER A 175 19.33 -12.90 1.59
C SER A 175 19.01 -11.50 2.13
N GLU A 176 19.72 -11.12 3.19
CA GLU A 176 19.68 -9.79 3.82
C GLU A 176 21.08 -9.49 4.36
N SER A 177 21.64 -8.33 4.04
CA SER A 177 23.04 -7.97 4.43
C SER A 177 23.20 -6.45 4.44
N PRO A 178 23.64 -5.85 5.57
CA PRO A 178 23.67 -6.52 6.87
C PRO A 178 22.27 -6.91 7.37
N CYS A 179 22.21 -7.92 8.25
CA CYS A 179 20.95 -8.49 8.81
C CYS A 179 20.42 -7.60 9.95
N ASN A 180 19.09 -7.47 10.02
CA ASN A 180 18.36 -6.77 11.11
C ASN A 180 17.98 -7.81 12.18
N PRO A 181 18.39 -7.65 13.46
CA PRO A 181 19.28 -6.59 13.94
C PRO A 181 20.74 -6.97 14.25
N THR A 182 21.15 -8.19 13.92
CA THR A 182 22.43 -8.81 14.38
C THR A 182 23.61 -8.35 13.53
N LEU A 183 23.34 -7.77 12.34
CA LEU A 183 24.36 -7.23 11.38
C LEU A 183 25.26 -8.34 10.85
N TYR A 184 24.78 -9.60 10.87
CA TYR A 184 25.42 -10.72 10.12
C TYR A 184 25.46 -10.33 8.64
N LEU A 185 26.51 -10.73 7.94
CA LEU A 185 26.68 -10.48 6.48
C LEU A 185 26.44 -11.79 5.72
N ALA A 186 25.98 -11.67 4.48
CA ALA A 186 25.86 -12.76 3.50
C ALA A 186 26.73 -12.41 2.30
N ASP A 187 27.53 -13.36 1.81
CA ASP A 187 28.37 -13.17 0.59
C ASP A 187 27.45 -13.17 -0.62
N ILE A 188 26.99 -11.99 -1.02
CA ILE A 188 25.95 -11.80 -2.08
C ILE A 188 26.48 -12.36 -3.41
N GLU A 189 27.74 -12.08 -3.74
CA GLU A 189 28.40 -12.54 -4.99
C GLU A 189 28.44 -14.07 -5.00
N ALA A 190 28.87 -14.70 -3.91
CA ALA A 190 29.00 -16.17 -3.76
C ALA A 190 27.63 -16.84 -3.82
N ILE A 191 26.64 -16.27 -3.13
CA ILE A 191 25.24 -16.81 -3.11
C ILE A 191 24.63 -16.67 -4.50
N SER A 192 24.91 -15.56 -5.19
CA SER A 192 24.43 -15.28 -6.58
C SER A 192 24.97 -16.35 -7.55
N GLN A 193 26.26 -16.69 -7.44
CA GLN A 193 26.91 -17.71 -8.31
C GLN A 193 26.26 -19.08 -8.07
N ILE A 194 25.93 -19.39 -6.81
CA ILE A 194 25.24 -20.66 -6.41
C ILE A 194 23.82 -20.67 -7.00
N CYS A 195 23.11 -19.54 -6.92
CA CYS A 195 21.71 -19.39 -7.38
C CYS A 195 21.63 -19.44 -8.91
N LYS A 196 22.66 -18.93 -9.61
CA LYS A 196 22.76 -18.96 -11.09
C LYS A 196 22.90 -20.41 -11.57
N GLU A 197 23.81 -21.18 -10.96
CA GLU A 197 24.13 -22.57 -11.38
C GLU A 197 22.99 -23.51 -10.99
N LYS A 198 22.25 -23.21 -9.92
CA LYS A 198 21.10 -24.03 -9.43
C LYS A 198 19.78 -23.53 -10.03
N LYS A 199 19.82 -22.43 -10.81
CA LYS A 199 18.65 -21.83 -11.50
C LYS A 199 17.58 -21.42 -10.47
N VAL A 200 18.00 -20.76 -9.38
CA VAL A 200 17.11 -20.26 -8.31
C VAL A 200 17.18 -18.73 -8.30
N LEU A 201 16.05 -18.07 -8.07
CA LEU A 201 15.94 -16.59 -8.00
C LEU A 201 16.60 -16.12 -6.71
N HIS A 202 17.58 -15.21 -6.80
CA HIS A 202 18.26 -14.60 -5.62
C HIS A 202 17.68 -13.20 -5.39
N VAL A 203 16.95 -13.04 -4.28
CA VAL A 203 16.38 -11.75 -3.79
C VAL A 203 17.23 -11.31 -2.61
N CYS A 204 17.69 -10.06 -2.59
CA CYS A 204 18.51 -9.48 -1.50
C CYS A 204 17.86 -8.23 -0.94
N ASP A 205 17.64 -8.21 0.38
CA ASP A 205 17.17 -7.03 1.15
C ASP A 205 18.40 -6.27 1.66
N SER A 206 18.82 -5.22 0.95
CA SER A 206 20.02 -4.41 1.25
C SER A 206 19.61 -3.07 1.89
N THR A 207 18.50 -3.04 2.64
CA THR A 207 17.99 -1.85 3.36
C THR A 207 19.10 -1.25 4.22
N PHE A 208 19.74 -2.09 5.05
CA PHE A 208 20.77 -1.68 6.04
C PHE A 208 22.03 -1.16 5.33
N ALA A 209 22.31 -1.64 4.12
CA ALA A 209 23.53 -1.33 3.36
C ALA A 209 23.39 0.02 2.65
N THR A 210 22.26 0.25 1.98
CA THR A 210 22.02 1.32 0.96
C THR A 210 22.86 1.01 -0.27
N PRO A 211 22.43 1.46 -1.48
CA PRO A 211 23.22 1.27 -2.70
C PRO A 211 24.59 1.98 -2.67
N TYR A 212 24.79 2.93 -1.76
CA TYR A 212 26.07 3.66 -1.58
C TYR A 212 27.15 2.70 -1.04
N MET A 213 26.76 1.74 -0.20
CA MET A 213 27.70 0.78 0.43
C MET A 213 27.77 -0.54 -0.36
N MET A 214 26.62 -1.03 -0.84
N MET A 214 26.62 -1.06 -0.78
CA MET A 214 26.51 -2.36 -1.49
CA MET A 214 26.53 -2.35 -1.52
C MET A 214 25.30 -2.39 -2.43
C MET A 214 25.30 -2.36 -2.44
N ARG A 215 25.52 -2.73 -3.71
CA ARG A 215 24.46 -2.93 -4.73
C ARG A 215 24.39 -4.42 -5.07
N PRO A 216 23.45 -5.20 -4.51
CA PRO A 216 23.38 -6.64 -4.79
C PRO A 216 23.26 -6.99 -6.28
N LEU A 217 22.65 -6.13 -7.09
CA LEU A 217 22.47 -6.37 -8.56
C LEU A 217 23.84 -6.39 -9.24
N ASP A 218 24.78 -5.56 -8.77
CA ASP A 218 26.20 -5.56 -9.25
C ASP A 218 26.86 -6.90 -8.87
N LEU A 219 26.42 -7.54 -7.79
CA LEU A 219 27.00 -8.81 -7.27
C LEU A 219 26.16 -10.01 -7.74
N GLY A 220 25.33 -9.84 -8.76
CA GLY A 220 24.66 -10.94 -9.48
C GLY A 220 23.29 -11.30 -8.92
N ALA A 221 22.76 -10.51 -7.98
CA ALA A 221 21.39 -10.72 -7.43
C ALA A 221 20.36 -10.48 -8.53
N ASP A 222 19.29 -11.26 -8.54
CA ASP A 222 18.20 -11.17 -9.55
C ASP A 222 17.27 -10.00 -9.17
N ILE A 223 17.00 -9.83 -7.88
CA ILE A 223 16.07 -8.79 -7.35
C ILE A 223 16.68 -8.18 -6.09
N VAL A 224 16.56 -6.86 -5.95
CA VAL A 224 16.83 -6.13 -4.68
C VAL A 224 15.51 -5.61 -4.13
N VAL A 225 15.29 -5.76 -2.83
N VAL A 225 15.29 -5.76 -2.83
CA VAL A 225 14.16 -5.15 -2.09
CA VAL A 225 14.16 -5.15 -2.09
C VAL A 225 14.74 -4.10 -1.14
C VAL A 225 14.73 -4.10 -1.13
N GLN A 226 14.16 -2.90 -1.14
CA GLN A 226 14.54 -1.77 -0.25
C GLN A 226 13.31 -1.35 0.54
N SER A 227 13.45 -1.18 1.86
CA SER A 227 12.61 -0.28 2.67
C SER A 227 13.19 1.14 2.50
N THR A 228 12.57 1.95 1.63
CA THR A 228 12.99 3.35 1.35
C THR A 228 12.69 4.21 2.58
N THR A 229 11.82 3.70 3.47
CA THR A 229 11.51 4.27 4.81
C THR A 229 12.80 4.65 5.55
N LYS A 230 13.82 3.78 5.49
CA LYS A 230 15.00 3.83 6.38
C LYS A 230 15.99 4.89 5.89
N TYR A 231 16.86 4.56 4.92
CA TYR A 231 18.02 5.40 4.50
C TYR A 231 17.66 6.26 3.30
N TYR A 232 16.93 5.72 2.32
CA TYR A 232 16.46 6.45 1.11
C TYR A 232 15.79 7.75 1.56
N ASP A 233 14.86 7.63 2.52
CA ASP A 233 14.19 8.76 3.21
C ASP A 233 15.21 9.39 4.17
N GLY A 234 15.59 8.66 5.23
CA GLY A 234 16.62 9.07 6.20
C GLY A 234 16.23 10.27 7.04
N HIS A 235 14.93 10.63 7.07
CA HIS A 235 14.40 11.81 7.79
C HIS A 235 13.21 11.44 8.68
N ASN A 236 12.91 10.14 8.85
CA ASN A 236 11.75 9.64 9.64
C ASN A 236 10.45 10.24 9.11
N CYS A 237 10.40 10.52 7.81
CA CYS A 237 9.34 11.34 7.17
C CYS A 237 8.26 10.43 6.56
N THR A 238 8.65 9.48 5.69
CA THR A 238 7.72 8.69 4.84
C THR A 238 7.98 7.20 5.01
N LEU A 239 6.94 6.38 4.83
CA LEU A 239 7.04 4.92 4.57
C LEU A 239 7.26 4.72 3.07
N GLY A 240 8.00 3.69 2.69
CA GLY A 240 8.21 3.36 1.26
C GLY A 240 8.95 2.07 1.06
N GLY A 241 8.67 1.41 -0.06
CA GLY A 241 9.37 0.20 -0.53
C GLY A 241 9.76 0.34 -1.97
N ALA A 242 10.81 -0.37 -2.38
CA ALA A 242 11.27 -0.46 -3.79
C ALA A 242 11.65 -1.91 -4.08
N VAL A 243 11.21 -2.42 -5.23
CA VAL A 243 11.73 -3.67 -5.86
C VAL A 243 12.50 -3.25 -7.10
N ILE A 244 13.81 -3.53 -7.15
CA ILE A 244 14.67 -3.26 -8.34
C ILE A 244 14.99 -4.61 -8.99
N SER A 245 14.60 -4.76 -10.27
CA SER A 245 14.68 -6.02 -11.04
C SER A 245 15.87 -5.95 -12.01
N SER A 246 16.61 -7.05 -12.13
CA SER A 246 17.79 -7.20 -13.02
C SER A 246 17.36 -7.30 -14.49
N THR A 247 16.14 -7.80 -14.76
CA THR A 247 15.63 -8.06 -16.13
C THR A 247 14.23 -7.46 -16.31
N LYS A 248 13.81 -7.30 -17.57
CA LYS A 248 12.48 -6.79 -17.98
C LYS A 248 11.39 -7.80 -17.57
N GLU A 249 11.63 -9.09 -17.81
CA GLU A 249 10.69 -10.20 -17.49
C GLU A 249 10.29 -10.12 -16.01
N ILE A 250 11.27 -9.95 -15.11
CA ILE A 250 11.05 -9.89 -13.63
C ILE A 250 10.33 -8.58 -13.30
N HIS A 251 10.78 -7.46 -13.87
CA HIS A 251 10.19 -6.10 -13.66
C HIS A 251 8.70 -6.11 -14.04
N ASP A 252 8.36 -6.69 -15.19
CA ASP A 252 6.98 -6.72 -15.75
C ASP A 252 6.06 -7.50 -14.80
N LYS A 253 6.55 -8.61 -14.23
CA LYS A 253 5.79 -9.47 -13.28
C LYS A 253 5.51 -8.69 -11.98
N VAL A 254 6.52 -7.97 -11.47
CA VAL A 254 6.40 -7.14 -10.22
C VAL A 254 5.38 -6.03 -10.49
N PHE A 255 5.53 -5.32 -11.61
CA PHE A 255 4.68 -4.18 -12.04
C PHE A 255 3.21 -4.65 -12.13
N PHE A 256 2.98 -5.76 -12.85
CA PHE A 256 1.63 -6.34 -13.06
C PHE A 256 0.97 -6.61 -11.70
N LEU A 257 1.69 -7.25 -10.78
CA LEU A 257 1.15 -7.72 -9.48
C LEU A 257 0.98 -6.54 -8.52
N ARG A 258 1.82 -5.50 -8.63
CA ARG A 258 1.66 -4.25 -7.84
C ARG A 258 0.30 -3.61 -8.16
N ASN A 259 -0.07 -3.55 -9.43
CA ASN A 259 -1.34 -2.97 -9.92
C ASN A 259 -2.52 -3.76 -9.35
N VAL A 260 -2.40 -5.09 -9.33
CA VAL A 260 -3.44 -6.04 -8.83
C VAL A 260 -3.61 -5.87 -7.32
N MET A 261 -2.50 -5.76 -6.58
CA MET A 261 -2.51 -5.76 -5.10
C MET A 261 -2.64 -4.33 -4.54
N GLY A 262 -2.60 -3.31 -5.40
CA GLY A 262 -2.92 -1.92 -5.06
C GLY A 262 -2.07 -1.38 -3.92
N ASN A 263 -0.76 -1.69 -3.93
CA ASN A 263 0.19 -1.32 -2.85
C ASN A 263 1.27 -0.37 -3.40
N ILE A 264 0.97 0.36 -4.47
CA ILE A 264 1.90 1.35 -5.08
C ILE A 264 2.16 2.49 -4.08
N MET A 265 3.35 3.09 -4.17
CA MET A 265 3.73 4.33 -3.46
C MET A 265 2.88 5.49 -3.97
N SER A 266 2.60 6.47 -3.11
CA SER A 266 1.85 7.71 -3.44
C SER A 266 2.79 8.74 -4.07
N ALA A 267 2.25 9.63 -4.92
CA ALA A 267 2.99 10.74 -5.58
C ALA A 267 3.72 11.58 -4.52
N GLN A 268 3.06 11.89 -3.41
CA GLN A 268 3.60 12.76 -2.33
C GLN A 268 4.81 12.09 -1.68
N THR A 269 4.72 10.78 -1.39
CA THR A 269 5.82 9.98 -0.81
C THR A 269 6.98 9.95 -1.79
N ALA A 270 6.70 9.71 -3.08
CA ALA A 270 7.71 9.69 -4.17
C ALA A 270 8.44 11.03 -4.23
N PHE A 271 7.71 12.15 -4.11
CA PHE A 271 8.30 13.52 -4.13
C PHE A 271 9.26 13.70 -2.94
N TYR A 272 8.84 13.32 -1.73
CA TYR A 272 9.68 13.38 -0.50
C TYR A 272 10.98 12.59 -0.74
N THR A 273 10.86 11.37 -1.26
CA THR A 273 11.98 10.41 -1.43
C THR A 273 12.92 10.88 -2.55
N LEU A 274 12.38 11.44 -3.64
CA LEU A 274 13.17 12.08 -4.72
C LEU A 274 14.07 13.17 -4.11
N LEU A 275 13.53 13.91 -3.15
CA LEU A 275 14.21 15.03 -2.46
C LEU A 275 15.31 14.49 -1.52
N THR A 276 14.99 13.51 -0.67
CA THR A 276 15.89 12.99 0.39
C THR A 276 17.02 12.15 -0.22
N LEU A 277 16.76 11.41 -1.31
CA LEU A 277 17.79 10.57 -1.99
C LEU A 277 18.99 11.42 -2.41
N LYS A 278 18.76 12.69 -2.76
CA LYS A 278 19.80 13.64 -3.23
C LYS A 278 20.98 13.67 -2.24
N THR A 279 20.71 13.59 -0.94
CA THR A 279 21.74 13.73 0.14
C THR A 279 22.14 12.37 0.73
N LEU A 280 21.69 11.24 0.17
CA LEU A 280 21.96 9.91 0.78
C LEU A 280 23.47 9.70 0.91
N PRO A 281 24.29 9.92 -0.15
CA PRO A 281 25.76 9.77 -0.03
C PRO A 281 26.36 10.56 1.14
N ILE A 282 26.08 11.86 1.26
CA ILE A 282 26.68 12.72 2.33
C ILE A 282 26.07 12.32 3.70
N ARG A 283 24.80 11.93 3.75
CA ARG A 283 24.15 11.46 5.01
C ARG A 283 24.86 10.19 5.48
N VAL A 284 24.98 9.19 4.61
CA VAL A 284 25.53 7.85 4.95
C VAL A 284 27.01 7.98 5.30
N GLU A 285 27.76 8.86 4.61
CA GLU A 285 29.18 9.16 4.96
C GLU A 285 29.24 9.65 6.41
N LYS A 286 28.38 10.60 6.78
CA LYS A 286 28.39 11.23 8.12
C LYS A 286 27.94 10.22 9.18
N GLN A 287 26.83 9.52 8.93
CA GLN A 287 26.27 8.48 9.83
C GLN A 287 27.34 7.41 10.10
N SER A 288 28.06 6.98 9.05
CA SER A 288 29.05 5.88 9.09
C SER A 288 30.30 6.33 9.88
N ALA A 289 30.73 7.58 9.68
CA ALA A 289 31.86 8.18 10.42
C ALA A 289 31.51 8.25 11.91
N ASN A 290 30.29 8.68 12.24
CA ASN A 290 29.78 8.70 13.65
C ASN A 290 29.75 7.28 14.20
N ALA A 291 29.22 6.33 13.42
CA ALA A 291 29.04 4.92 13.82
C ALA A 291 30.40 4.27 14.13
N GLN A 292 31.41 4.50 13.30
CA GLN A 292 32.79 4.01 13.50
C GLN A 292 33.28 4.46 14.88
N LYS A 293 33.21 5.75 15.18
CA LYS A 293 33.69 6.37 16.45
C LYS A 293 32.89 5.83 17.64
N ILE A 294 31.56 5.69 17.50
CA ILE A 294 30.67 5.16 18.58
C ILE A 294 31.02 3.70 18.85
N ALA A 295 31.22 2.90 17.79
CA ALA A 295 31.57 1.45 17.88
C ALA A 295 32.92 1.29 18.59
N GLU A 296 33.89 2.14 18.26
CA GLU A 296 35.24 2.15 18.90
C GLU A 296 35.07 2.50 20.39
N PHE A 297 34.33 3.56 20.70
CA PHE A 297 34.03 3.99 22.09
C PHE A 297 33.39 2.84 22.88
N LEU A 298 32.36 2.21 22.32
CA LEU A 298 31.62 1.10 22.98
C LEU A 298 32.55 -0.11 23.19
N SER A 299 33.46 -0.38 22.25
CA SER A 299 34.38 -1.54 22.28
C SER A 299 35.43 -1.38 23.40
N LYS A 300 35.65 -0.15 23.89
CA LYS A 300 36.60 0.18 24.98
C LYS A 300 35.85 0.28 26.32
N HIS A 301 34.51 0.31 26.31
CA HIS A 301 33.70 0.60 27.52
C HIS A 301 33.62 -0.63 28.41
N HIS A 302 33.93 -0.45 29.70
CA HIS A 302 34.08 -1.50 30.73
C HIS A 302 32.72 -2.14 31.08
N LYS A 303 31.60 -1.51 30.71
CA LYS A 303 30.23 -2.01 31.00
C LYS A 303 29.56 -2.55 29.73
N VAL A 304 30.28 -2.58 28.60
CA VAL A 304 29.79 -3.16 27.32
C VAL A 304 30.43 -4.55 27.13
N GLU A 305 29.62 -5.57 26.89
CA GLU A 305 30.02 -6.99 26.79
C GLU A 305 30.59 -7.25 25.38
N HIS A 306 29.77 -7.02 24.36
CA HIS A 306 30.12 -7.17 22.91
C HIS A 306 29.68 -5.92 22.15
N VAL A 307 30.42 -5.56 21.10
CA VAL A 307 30.02 -4.54 20.09
C VAL A 307 30.06 -5.20 18.72
N ILE A 308 29.02 -5.00 17.91
CA ILE A 308 28.95 -5.48 16.50
C ILE A 308 28.87 -4.24 15.59
N TYR A 309 29.91 -4.03 14.79
CA TYR A 309 29.96 -3.04 13.70
C TYR A 309 30.88 -3.59 12.61
N PRO A 310 30.45 -3.64 11.33
CA PRO A 310 31.29 -4.18 10.27
C PRO A 310 32.64 -3.46 10.10
N GLY A 311 32.79 -2.27 10.68
CA GLY A 311 33.96 -1.38 10.50
C GLY A 311 35.02 -1.52 11.59
N ILE A 312 34.71 -2.08 12.76
CA ILE A 312 35.70 -2.25 13.86
C ILE A 312 36.49 -3.54 13.61
N PRO A 313 37.78 -3.59 14.01
CA PRO A 313 38.65 -4.71 13.63
C PRO A 313 38.21 -6.09 14.17
N SER A 314 37.40 -6.12 15.23
CA SER A 314 36.95 -7.35 15.94
C SER A 314 35.73 -7.99 15.24
N PHE A 315 35.14 -7.33 14.25
CA PHE A 315 33.94 -7.83 13.52
C PHE A 315 34.21 -9.24 13.00
N PRO A 316 33.40 -10.26 13.40
CA PRO A 316 33.64 -11.64 13.00
C PRO A 316 33.71 -11.89 11.47
N GLN A 317 32.96 -11.12 10.67
CA GLN A 317 32.94 -11.24 9.19
C GLN A 317 33.66 -10.04 8.57
N LYS A 318 34.78 -9.62 9.18
CA LYS A 318 35.60 -8.46 8.72
C LYS A 318 35.98 -8.64 7.25
N GLU A 319 36.43 -9.83 6.87
CA GLU A 319 36.99 -10.10 5.51
C GLU A 319 35.88 -9.92 4.46
N LEU A 320 34.66 -10.41 4.73
CA LEU A 320 33.51 -10.26 3.80
C LEU A 320 33.08 -8.79 3.77
N ALA A 321 33.07 -8.11 4.93
CA ALA A 321 32.74 -6.68 5.04
C ALA A 321 33.69 -5.87 4.14
N LEU A 322 34.99 -6.14 4.20
CA LEU A 322 36.03 -5.40 3.43
C LEU A 322 35.89 -5.70 1.93
N LYS A 323 35.45 -6.91 1.57
CA LYS A 323 35.26 -7.32 0.15
C LYS A 323 33.98 -6.69 -0.42
N GLN A 324 32.93 -6.58 0.41
CA GLN A 324 31.53 -6.37 -0.04
C GLN A 324 31.08 -4.92 0.19
N HIS A 325 31.64 -4.23 1.19
CA HIS A 325 31.24 -2.83 1.54
C HIS A 325 32.13 -1.82 0.79
N LYS A 326 31.50 -0.88 0.09
CA LYS A 326 32.18 0.27 -0.57
C LYS A 326 31.98 1.51 0.29
N ASN A 327 33.03 2.34 0.42
CA ASN A 327 33.00 3.70 1.02
C ASN A 327 32.95 3.63 2.56
N VAL A 328 31.96 2.93 3.10
CA VAL A 328 31.58 2.98 4.55
C VAL A 328 31.23 1.57 5.02
N HIS A 329 30.96 1.42 6.32
CA HIS A 329 30.46 0.18 6.96
C HIS A 329 29.07 0.42 7.58
N GLY A 330 28.46 1.58 7.32
CA GLY A 330 27.03 1.85 7.59
C GLY A 330 26.81 2.60 8.89
N GLY A 331 25.56 3.02 9.13
CA GLY A 331 25.13 3.75 10.34
C GLY A 331 24.59 2.82 11.42
N MET A 332 24.42 1.54 11.10
CA MET A 332 23.88 0.53 12.06
C MET A 332 25.03 -0.12 12.82
N LEU A 333 24.90 -0.18 14.16
CA LEU A 333 25.75 -1.01 15.04
C LEU A 333 24.85 -1.63 16.11
N ALA A 334 25.37 -2.62 16.83
CA ALA A 334 24.68 -3.29 17.96
C ALA A 334 25.71 -3.55 19.06
N PHE A 335 25.24 -3.63 20.31
CA PHE A 335 26.09 -3.99 21.46
C PHE A 335 25.23 -4.64 22.54
N GLU A 336 25.89 -5.29 23.49
CA GLU A 336 25.27 -5.94 24.67
C GLU A 336 25.85 -5.29 25.93
N VAL A 337 24.98 -4.85 26.85
CA VAL A 337 25.38 -4.29 28.17
C VAL A 337 25.62 -5.47 29.12
N LYS A 338 26.68 -5.40 29.92
CA LYS A 338 26.98 -6.38 30.99
C LYS A 338 25.89 -6.30 32.06
N GLY A 339 25.43 -7.46 32.57
CA GLY A 339 24.43 -7.56 33.64
C GLY A 339 23.06 -7.97 33.11
N GLY A 340 22.99 -8.48 31.88
CA GLY A 340 21.77 -9.08 31.30
C GLY A 340 20.70 -8.05 30.98
N THR A 341 19.43 -8.44 31.10
CA THR A 341 18.24 -7.66 30.65
C THR A 341 18.03 -6.44 31.56
N GLU A 342 18.23 -6.59 32.87
CA GLU A 342 18.00 -5.53 33.88
C GLU A 342 18.90 -4.32 33.57
N ALA A 343 20.19 -4.57 33.34
CA ALA A 343 21.20 -3.54 32.98
C ALA A 343 20.83 -2.90 31.64
N GLY A 344 20.42 -3.73 30.67
CA GLY A 344 19.93 -3.29 29.34
C GLY A 344 18.76 -2.34 29.46
N ILE A 345 17.80 -2.63 30.35
CA ILE A 345 16.58 -1.80 30.58
C ILE A 345 16.96 -0.51 31.31
N ARG A 346 17.80 -0.59 32.35
CA ARG A 346 18.31 0.59 33.10
C ARG A 346 18.95 1.57 32.10
N MET A 347 19.86 1.09 31.25
CA MET A 347 20.57 1.95 30.24
C MET A 347 19.52 2.56 29.31
N MET A 348 18.68 1.72 28.72
CA MET A 348 17.63 2.10 27.74
C MET A 348 16.78 3.25 28.30
N ASN A 349 16.35 3.13 29.55
CA ASN A 349 15.45 4.09 30.25
C ASN A 349 16.20 5.39 30.58
N HIS A 350 17.54 5.38 30.54
CA HIS A 350 18.39 6.52 30.96
C HIS A 350 19.20 7.08 29.79
N VAL A 351 18.94 6.63 28.55
CA VAL A 351 19.62 7.19 27.34
C VAL A 351 18.99 8.55 27.04
N PRO A 352 19.73 9.67 27.22
CA PRO A 352 19.15 11.00 27.07
C PRO A 352 19.14 11.45 25.60
N ARG A 353 18.50 12.58 25.34
CA ARG A 353 18.60 13.29 24.03
C ARG A 353 20.07 13.68 23.85
N PRO A 354 20.60 13.73 22.61
CA PRO A 354 19.79 13.69 21.39
C PRO A 354 19.29 12.30 20.90
N TRP A 355 19.52 11.23 21.66
CA TRP A 355 19.04 9.86 21.32
C TRP A 355 17.50 9.82 21.40
N SER A 356 16.90 9.00 20.54
CA SER A 356 15.44 8.68 20.53
C SER A 356 15.27 7.20 20.81
N LEU A 357 14.44 6.86 21.80
CA LEU A 357 14.06 5.47 22.16
C LEU A 357 12.82 5.09 21.35
N CYS A 358 12.99 4.36 20.25
CA CYS A 358 11.89 4.03 19.29
C CYS A 358 12.34 2.96 18.30
N GLU A 359 11.41 2.51 17.46
CA GLU A 359 11.64 1.58 16.31
C GLU A 359 12.18 2.39 15.13
N SER A 360 12.50 1.67 14.04
CA SER A 360 13.02 2.22 12.76
C SER A 360 14.50 2.57 12.90
N LEU A 361 15.09 3.08 11.82
CA LEU A 361 16.55 3.29 11.69
C LEU A 361 16.83 4.05 10.39
N GLY A 362 18.09 4.43 10.20
CA GLY A 362 18.61 5.02 8.95
C GLY A 362 18.38 6.53 8.87
N ALA A 363 17.88 7.14 9.94
CA ALA A 363 17.44 8.55 9.96
C ALA A 363 18.57 9.47 10.43
N CYS A 364 18.45 10.76 10.11
CA CYS A 364 19.29 11.88 10.63
C CYS A 364 19.28 11.86 12.16
N GLU A 365 18.15 11.47 12.76
CA GLU A 365 17.97 11.38 14.24
C GLU A 365 18.50 10.02 14.72
N SER A 366 19.43 10.03 15.66
CA SER A 366 20.04 8.81 16.26
C SER A 366 18.98 8.06 17.06
N ILE A 367 18.83 6.75 16.80
CA ILE A 367 17.76 5.89 17.37
C ILE A 367 18.42 4.73 18.12
N ILE A 368 17.89 4.40 19.29
CA ILE A 368 18.30 3.23 20.12
C ILE A 368 17.04 2.41 20.42
N THR A 369 17.07 1.18 20.02
CA THR A 369 16.02 0.21 20.02
C THR A 369 16.40 -1.05 20.83
N CYS A 370 15.45 -1.69 21.47
CA CYS A 370 15.69 -2.98 22.12
C CYS A 370 14.83 -3.99 21.36
N PRO A 371 15.41 -4.72 20.45
CA PRO A 371 14.73 -5.61 19.50
C PRO A 371 13.91 -6.74 20.17
N ALA A 372 14.23 -7.07 21.42
CA ALA A 372 13.55 -8.14 22.22
C ALA A 372 12.08 -7.78 22.45
N VAL A 373 11.77 -6.51 22.78
CA VAL A 373 10.40 -6.07 23.18
C VAL A 373 9.85 -5.04 22.17
N PHE A 374 10.57 -4.75 21.07
CA PHE A 374 10.18 -3.75 20.05
C PHE A 374 9.89 -4.44 18.71
N THR A 375 10.92 -5.00 18.15
CA THR A 375 10.90 -5.52 16.83
C THR A 375 10.77 -7.03 16.65
N HIS A 376 11.36 -7.78 17.58
CA HIS A 376 11.34 -9.27 17.66
C HIS A 376 10.70 -9.70 19.00
N ALA A 377 9.54 -9.15 19.33
CA ALA A 377 8.76 -9.48 20.56
C ALA A 377 7.89 -10.71 20.32
N ASN A 378 7.59 -11.03 19.05
CA ASN A 378 6.74 -12.18 18.63
C ASN A 378 7.59 -13.45 18.49
N MET A 379 8.92 -13.34 18.60
CA MET A 379 9.87 -14.49 18.55
C MET A 379 10.09 -15.02 19.98
N LEU A 380 10.02 -16.34 20.16
CA LEU A 380 10.27 -17.04 21.45
C LEU A 380 11.69 -16.72 21.93
N ARG A 381 11.88 -16.57 23.25
CA ARG A 381 13.19 -16.22 23.88
C ARG A 381 14.25 -17.22 23.43
N GLU A 382 13.97 -18.53 23.53
CA GLU A 382 14.87 -19.63 23.11
C GLU A 382 15.28 -19.43 21.63
N ASP A 383 14.36 -18.93 20.80
CA ASP A 383 14.59 -18.66 19.36
C ASP A 383 15.37 -17.35 19.20
N ARG A 384 15.04 -16.31 19.99
CA ARG A 384 15.74 -14.99 19.99
C ARG A 384 17.21 -15.19 20.35
N LEU A 385 17.51 -16.03 21.35
CA LEU A 385 18.89 -16.34 21.81
C LEU A 385 19.62 -17.20 20.77
N LYS A 386 18.89 -18.07 20.07
CA LYS A 386 19.42 -18.98 19.02
C LYS A 386 20.03 -18.16 17.87
N VAL A 387 19.33 -17.12 17.42
CA VAL A 387 19.70 -16.30 16.22
C VAL A 387 20.79 -15.28 16.61
N GLY A 388 20.80 -14.82 17.87
CA GLY A 388 21.81 -13.88 18.39
C GLY A 388 21.22 -12.61 19.00
N ILE A 389 19.88 -12.50 19.07
CA ILE A 389 19.18 -11.39 19.77
C ILE A 389 19.19 -11.72 21.27
N THR A 390 20.29 -11.38 21.95
CA THR A 390 20.61 -11.81 23.34
C THR A 390 19.82 -10.96 24.35
N ASP A 391 20.05 -11.23 25.64
CA ASP A 391 19.32 -10.64 26.80
C ASP A 391 19.42 -9.11 26.76
N GLY A 392 20.64 -8.58 26.87
CA GLY A 392 20.91 -7.12 26.94
C GLY A 392 21.28 -6.53 25.59
N PHE A 393 20.73 -7.07 24.49
CA PHE A 393 21.11 -6.74 23.09
C PHE A 393 20.44 -5.43 22.67
N ILE A 394 21.26 -4.45 22.27
CA ILE A 394 20.81 -3.08 21.85
C ILE A 394 21.12 -2.91 20.37
N ARG A 395 20.12 -2.54 19.56
CA ARG A 395 20.34 -2.10 18.16
C ARG A 395 20.40 -0.57 18.13
N VAL A 396 21.43 -0.03 17.47
CA VAL A 396 21.72 1.42 17.40
C VAL A 396 21.72 1.85 15.93
N SER A 397 20.88 2.84 15.60
CA SER A 397 20.89 3.57 14.32
C SER A 397 21.53 4.94 14.55
N VAL A 398 22.71 5.15 13.97
CA VAL A 398 23.51 6.39 14.18
C VAL A 398 23.04 7.44 13.17
N GLY A 399 22.71 8.63 13.66
CA GLY A 399 22.31 9.81 12.86
C GLY A 399 23.48 10.70 12.56
N ILE A 400 23.22 11.99 12.30
CA ILE A 400 24.23 12.96 11.80
C ILE A 400 24.44 14.08 12.84
N GLU A 401 24.00 13.85 14.08
CA GLU A 401 24.27 14.76 15.23
C GLU A 401 25.78 14.79 15.47
N ASP A 402 26.26 15.72 16.29
CA ASP A 402 27.67 15.76 16.75
C ASP A 402 27.93 14.45 17.53
N VAL A 403 28.96 13.70 17.13
CA VAL A 403 29.28 12.35 17.68
C VAL A 403 29.59 12.45 19.17
N ASN A 404 30.12 13.59 19.63
CA ASN A 404 30.50 13.82 21.05
C ASN A 404 29.24 13.87 21.91
N ASP A 405 28.14 14.45 21.39
CA ASP A 405 26.81 14.47 22.07
C ASP A 405 26.25 13.05 22.16
N LEU A 406 26.41 12.27 21.09
CA LEU A 406 25.93 10.86 21.01
C LEU A 406 26.72 10.00 22.00
N ILE A 407 28.05 10.14 22.03
CA ILE A 407 28.93 9.36 22.96
C ILE A 407 28.63 9.79 24.41
N ASP A 408 28.58 11.10 24.69
CA ASP A 408 28.17 11.67 26.00
C ASP A 408 26.89 10.98 26.49
N GLY A 409 25.87 10.89 25.64
CA GLY A 409 24.57 10.29 25.95
C GLY A 409 24.68 8.81 26.29
N LEU A 410 25.40 8.05 25.48
CA LEU A 410 25.65 6.59 25.72
C LEU A 410 26.44 6.42 27.02
N ASP A 411 27.46 7.25 27.24
CA ASP A 411 28.37 7.14 28.42
C ASP A 411 27.55 7.35 29.70
N TYR A 412 26.67 8.35 29.71
CA TYR A 412 25.74 8.64 30.83
C TYR A 412 24.85 7.43 31.09
N ALA A 413 24.19 6.93 30.03
CA ALA A 413 23.25 5.78 30.09
C ALA A 413 23.98 4.55 30.64
N LEU A 414 25.18 4.28 30.13
CA LEU A 414 26.02 3.11 30.53
C LEU A 414 26.41 3.24 32.01
N SER A 415 26.74 4.45 32.46
N SER A 415 26.73 4.46 32.45
CA SER A 415 27.07 4.77 33.89
CA SER A 415 27.07 4.78 33.87
C SER A 415 25.88 4.45 34.79
C SER A 415 25.88 4.43 34.78
N LYS A 416 24.65 4.68 34.31
CA LYS A 416 23.40 4.40 35.07
C LYS A 416 23.04 2.92 35.00
N ALA A 417 23.46 2.23 33.93
CA ALA A 417 23.13 0.79 33.68
C ALA A 417 23.60 -0.06 34.87
N GLY B 21 -24.05 19.39 33.44
CA GLY B 21 -22.64 19.84 33.63
C GLY B 21 -21.76 19.52 32.43
N VAL B 22 -22.07 20.13 31.27
CA VAL B 22 -21.33 19.97 29.99
C VAL B 22 -20.83 21.34 29.53
N LYS B 23 -19.53 21.47 29.29
CA LYS B 23 -18.87 22.72 28.84
C LYS B 23 -18.54 22.62 27.34
N ALA B 24 -18.03 23.70 26.76
CA ALA B 24 -17.58 23.80 25.35
C ALA B 24 -16.52 22.71 25.08
N GLY B 25 -16.57 22.09 23.89
CA GLY B 25 -15.62 21.07 23.45
C GLY B 25 -16.10 19.65 23.73
N ASP B 26 -17.22 19.51 24.45
CA ASP B 26 -17.84 18.20 24.81
C ASP B 26 -19.09 17.98 23.95
N TRP B 27 -19.33 16.73 23.53
CA TRP B 27 -20.65 16.24 23.05
C TRP B 27 -21.58 16.15 24.26
N LEU B 28 -22.88 16.43 24.10
CA LEU B 28 -23.89 16.20 25.16
C LEU B 28 -23.97 14.70 25.42
N PRO B 29 -23.72 14.23 26.67
CA PRO B 29 -23.76 12.79 26.98
C PRO B 29 -25.15 12.21 26.70
N GLY B 30 -25.21 11.03 26.07
CA GLY B 30 -26.45 10.27 25.81
C GLY B 30 -27.10 10.63 24.48
N PHE B 31 -26.56 11.61 23.76
CA PHE B 31 -27.03 12.03 22.41
C PHE B 31 -26.09 11.43 21.35
N THR B 32 -26.66 11.00 20.22
CA THR B 32 -25.92 10.54 19.01
C THR B 32 -26.02 11.63 17.96
N PRO B 33 -24.87 12.12 17.42
CA PRO B 33 -24.91 13.08 16.31
C PRO B 33 -25.69 12.50 15.11
N ARG B 34 -26.39 13.37 14.38
CA ARG B 34 -27.18 13.00 13.19
C ARG B 34 -26.23 12.85 11.98
N GLU B 35 -26.73 12.24 10.90
CA GLU B 35 -25.94 11.74 9.74
C GLU B 35 -24.89 12.78 9.31
N GLU B 36 -25.31 13.95 8.82
CA GLU B 36 -24.42 14.97 8.22
C GLU B 36 -23.38 15.45 9.24
N THR B 37 -23.72 15.47 10.53
CA THR B 37 -22.81 15.89 11.62
C THR B 37 -21.65 14.89 11.73
N VAL B 38 -21.93 13.60 11.58
CA VAL B 38 -20.91 12.50 11.67
C VAL B 38 -19.91 12.67 10.50
N TYR B 39 -20.38 13.03 9.31
CA TYR B 39 -19.52 13.26 8.12
C TYR B 39 -18.55 14.42 8.40
N VAL B 40 -19.01 15.45 9.11
CA VAL B 40 -18.19 16.67 9.39
C VAL B 40 -17.21 16.36 10.52
N HIS B 41 -17.66 15.76 11.63
CA HIS B 41 -16.94 15.70 12.92
C HIS B 41 -16.57 14.27 13.35
N GLY B 42 -17.19 13.24 12.76
CA GLY B 42 -17.02 11.84 13.18
C GLY B 42 -15.56 11.46 13.37
N GLY B 43 -15.25 10.80 14.49
CA GLY B 43 -13.92 10.20 14.78
C GLY B 43 -12.82 11.24 14.96
N VAL B 44 -13.18 12.51 15.12
CA VAL B 44 -12.21 13.65 15.18
C VAL B 44 -12.64 14.60 16.30
N GLU B 45 -11.69 15.06 17.12
CA GLU B 45 -11.88 16.13 18.11
C GLU B 45 -10.74 17.14 17.94
N PRO B 46 -10.87 18.39 18.45
CA PRO B 46 -9.77 19.34 18.41
C PRO B 46 -8.51 18.75 19.05
N ASP B 47 -7.33 19.02 18.46
CA ASP B 47 -6.03 18.55 18.99
C ASP B 47 -5.94 18.90 20.47
N PRO B 48 -5.82 17.91 21.39
CA PRO B 48 -5.73 18.20 22.82
C PRO B 48 -4.58 19.13 23.22
N LEU B 49 -3.46 19.09 22.49
CA LEU B 49 -2.24 19.87 22.81
C LEU B 49 -2.45 21.36 22.44
N THR B 50 -2.99 21.64 21.25
CA THR B 50 -3.05 23.02 20.66
C THR B 50 -4.50 23.51 20.49
N GLY B 51 -5.48 22.61 20.44
CA GLY B 51 -6.89 22.93 20.13
C GLY B 51 -7.14 23.03 18.62
N ALA B 52 -6.14 22.69 17.80
CA ALA B 52 -6.24 22.68 16.31
C ALA B 52 -7.55 21.97 15.90
N ILE B 53 -8.46 22.69 15.23
CA ILE B 53 -9.83 22.20 14.89
C ILE B 53 -9.72 20.97 13.98
N LEU B 54 -8.74 20.95 13.06
CA LEU B 54 -8.40 19.75 12.25
C LEU B 54 -7.27 19.00 12.95
N PRO B 55 -7.27 17.65 12.91
CA PRO B 55 -6.17 16.88 13.47
C PRO B 55 -4.91 17.09 12.63
N PRO B 56 -3.74 17.34 13.24
CA PRO B 56 -2.50 17.55 12.48
C PRO B 56 -2.10 16.32 11.66
N ILE B 57 -1.31 16.54 10.61
CA ILE B 57 -0.79 15.48 9.70
C ILE B 57 0.46 14.89 10.35
N TYR B 58 0.40 13.63 10.78
CA TYR B 58 1.54 12.88 11.38
C TYR B 58 2.37 12.29 10.23
N GLN B 59 3.05 13.18 9.50
CA GLN B 59 4.00 12.84 8.41
C GLN B 59 5.29 12.35 9.09
N ASN B 60 5.25 11.13 9.59
CA ASN B 60 6.13 10.64 10.67
C ASN B 60 6.12 9.10 10.65
N THR B 61 7.29 8.48 10.59
N THR B 61 7.29 8.47 10.59
CA THR B 61 7.48 7.01 10.46
CA THR B 61 7.46 6.99 10.47
C THR B 61 7.41 6.35 11.85
C THR B 61 7.40 6.34 11.85
N THR B 62 8.17 6.86 12.82
CA THR B 62 8.36 6.21 14.16
C THR B 62 7.93 7.14 15.29
N PHE B 63 7.64 6.56 16.44
CA PHE B 63 7.12 7.23 17.67
C PHE B 63 8.02 6.87 18.86
N VAL B 64 8.50 7.88 19.56
CA VAL B 64 9.42 7.74 20.73
C VAL B 64 8.62 7.18 21.90
N GLN B 65 9.20 6.21 22.62
CA GLN B 65 8.60 5.54 23.80
C GLN B 65 9.19 6.16 25.07
N GLU B 66 8.36 6.37 26.10
CA GLU B 66 8.76 7.01 27.38
C GLU B 66 9.80 6.12 28.08
N SER B 67 9.61 4.79 28.02
CA SER B 67 10.50 3.77 28.62
C SER B 67 10.22 2.40 27.99
N VAL B 68 11.00 1.39 28.36
CA VAL B 68 10.82 -0.03 27.90
C VAL B 68 9.50 -0.56 28.48
N GLU B 69 9.18 -0.18 29.72
CA GLU B 69 7.96 -0.60 30.47
C GLU B 69 6.72 -0.02 29.80
N ASN B 70 6.74 1.29 29.53
CA ASN B 70 5.61 2.08 28.98
C ASN B 70 5.63 2.02 27.44
N TYR B 71 6.08 0.91 26.86
CA TYR B 71 6.04 0.66 25.39
C TYR B 71 4.59 0.68 24.94
N LEU B 72 4.27 1.54 23.96
CA LEU B 72 2.92 1.73 23.35
C LEU B 72 1.93 2.32 24.37
N SER B 73 2.42 3.03 25.40
CA SER B 73 1.57 3.70 26.43
C SER B 73 0.80 4.85 25.79
N LYS B 74 1.33 5.45 24.71
CA LYS B 74 0.69 6.55 23.95
C LYS B 74 0.07 6.03 22.65
N GLY B 75 0.08 4.70 22.44
CA GLY B 75 -0.76 4.01 21.45
C GLY B 75 -0.13 3.84 20.08
N PHE B 76 1.08 4.36 19.85
CA PHE B 76 1.77 4.34 18.52
C PHE B 76 3.24 3.94 18.69
N SER B 77 3.80 3.31 17.66
CA SER B 77 5.21 2.84 17.61
C SER B 77 5.80 3.04 16.20
N TYR B 78 5.04 2.67 15.16
CA TYR B 78 5.49 2.65 13.75
C TYR B 78 4.29 2.81 12.80
N SER B 79 4.40 3.72 11.84
CA SER B 79 3.28 4.19 10.97
C SER B 79 2.81 3.11 9.99
N ARG B 80 3.59 2.06 9.72
CA ARG B 80 3.10 0.91 8.90
C ARG B 80 1.99 0.18 9.67
N THR B 81 2.14 0.06 11.00
CA THR B 81 1.20 -0.65 11.91
C THR B 81 -0.02 0.23 12.16
N SER B 82 0.20 1.47 12.61
CA SER B 82 -0.87 2.48 12.89
C SER B 82 -0.26 3.87 12.90
N ASN B 83 -1.04 4.86 12.47
CA ASN B 83 -0.68 6.30 12.43
C ASN B 83 -1.85 7.10 12.97
N PRO B 84 -1.63 8.17 13.78
CA PRO B 84 -2.72 8.91 14.40
C PRO B 84 -3.73 9.53 13.41
N THR B 85 -3.25 10.05 12.28
CA THR B 85 -4.10 10.68 11.22
C THR B 85 -4.97 9.60 10.58
N VAL B 86 -4.37 8.46 10.25
CA VAL B 86 -5.08 7.31 9.61
C VAL B 86 -6.13 6.79 10.59
N LEU B 87 -5.78 6.64 11.87
CA LEU B 87 -6.70 6.15 12.92
C LEU B 87 -7.92 7.09 13.05
N SER B 88 -7.69 8.41 12.98
CA SER B 88 -8.76 9.44 13.04
C SER B 88 -9.76 9.20 11.89
N LEU B 89 -9.26 8.95 10.68
CA LEU B 89 -10.10 8.68 9.49
C LEU B 89 -10.85 7.36 9.68
N GLU B 90 -10.18 6.34 10.21
CA GLU B 90 -10.75 4.99 10.45
C GLU B 90 -11.93 5.09 11.42
N LYS B 91 -11.79 5.90 12.48
CA LYS B 91 -12.87 6.10 13.49
C LYS B 91 -14.07 6.76 12.82
N LYS B 92 -13.83 7.77 11.98
CA LYS B 92 -14.88 8.49 11.20
C LYS B 92 -15.60 7.49 10.29
N ILE B 93 -14.84 6.70 9.53
CA ILE B 93 -15.39 5.76 8.50
C ILE B 93 -16.21 4.68 9.21
N ALA B 94 -15.74 4.16 10.35
CA ALA B 94 -16.44 3.15 11.17
C ALA B 94 -17.79 3.71 11.65
N GLU B 95 -17.82 4.98 12.09
CA GLU B 95 -19.04 5.67 12.55
C GLU B 95 -20.01 5.84 11.37
N ILE B 96 -19.53 6.33 10.23
CA ILE B 96 -20.34 6.60 9.00
C ILE B 96 -20.95 5.30 8.49
N GLU B 97 -20.17 4.20 8.45
CA GLU B 97 -20.59 2.91 7.84
C GLU B 97 -21.36 2.06 8.87
N GLY B 98 -21.25 2.39 10.15
CA GLY B 98 -21.95 1.68 11.25
C GLY B 98 -21.26 0.38 11.60
N GLY B 99 -19.93 0.39 11.69
CA GLY B 99 -19.10 -0.79 11.99
C GLY B 99 -18.41 -0.66 13.34
N PHE B 100 -17.87 -1.76 13.86
CA PHE B 100 -17.06 -1.80 15.10
C PHE B 100 -15.78 -1.00 14.89
N GLY B 101 -15.11 -1.21 13.76
CA GLY B 101 -13.85 -0.54 13.39
C GLY B 101 -13.59 -0.60 11.90
N ALA B 102 -12.67 0.23 11.43
CA ALA B 102 -12.23 0.29 10.02
C ALA B 102 -10.71 0.28 9.95
N CYS B 103 -10.16 -0.33 8.91
CA CYS B 103 -8.73 -0.25 8.51
C CYS B 103 -8.65 0.45 7.15
N CYS B 104 -7.76 1.44 7.02
CA CYS B 104 -7.55 2.23 5.78
C CYS B 104 -6.28 1.73 5.07
N PHE B 105 -6.35 1.67 3.73
CA PHE B 105 -5.34 1.08 2.83
C PHE B 105 -4.94 2.09 1.76
N ALA B 106 -3.82 1.84 1.09
CA ALA B 106 -3.25 2.68 0.00
C ALA B 106 -4.27 2.81 -1.14
N THR B 107 -5.05 1.75 -1.40
CA THR B 107 -6.05 1.68 -2.50
C THR B 107 -7.22 0.78 -2.08
N GLY B 108 -8.34 0.87 -2.82
CA GLY B 108 -9.48 -0.06 -2.70
C GLY B 108 -9.08 -1.48 -3.04
N MET B 109 -8.18 -1.67 -4.00
CA MET B 109 -7.68 -3.01 -4.41
C MET B 109 -6.89 -3.62 -3.23
N ALA B 110 -6.11 -2.81 -2.52
CA ALA B 110 -5.36 -3.23 -1.31
C ALA B 110 -6.34 -3.75 -0.24
N ALA B 111 -7.44 -3.02 -0.02
CA ALA B 111 -8.51 -3.41 0.93
C ALA B 111 -9.10 -4.77 0.51
N THR B 112 -9.42 -4.93 -0.77
CA THR B 112 -10.04 -6.14 -1.37
C THR B 112 -9.10 -7.35 -1.22
N VAL B 113 -7.83 -7.16 -1.58
N VAL B 113 -7.83 -7.18 -1.57
CA VAL B 113 -6.77 -8.21 -1.59
CA VAL B 113 -6.83 -8.30 -1.58
C VAL B 113 -6.49 -8.66 -0.15
C VAL B 113 -6.49 -8.68 -0.13
N THR B 114 -6.56 -7.73 0.82
CA THR B 114 -6.37 -8.01 2.26
C THR B 114 -7.50 -8.91 2.77
N ILE B 115 -8.74 -8.72 2.28
CA ILE B 115 -9.90 -9.58 2.60
C ILE B 115 -9.61 -11.00 2.08
N PHE B 116 -9.21 -11.12 0.81
CA PHE B 116 -8.90 -12.42 0.16
C PHE B 116 -7.72 -13.10 0.88
N SER B 117 -6.68 -12.32 1.20
CA SER B 117 -5.46 -12.79 1.90
C SER B 117 -5.81 -13.35 3.29
N ALA B 118 -6.68 -12.66 4.04
CA ALA B 118 -6.98 -12.96 5.46
C ALA B 118 -7.92 -14.16 5.59
N PHE B 119 -8.96 -14.25 4.74
CA PHE B 119 -10.14 -15.13 5.00
C PHE B 119 -10.21 -16.30 4.02
N LEU B 120 -9.23 -16.46 3.12
CA LEU B 120 -9.17 -17.59 2.16
C LEU B 120 -7.83 -18.31 2.27
N ALA B 121 -7.87 -19.65 2.15
CA ALA B 121 -6.70 -20.56 2.20
C ALA B 121 -6.92 -21.65 1.16
N PRO B 122 -5.87 -22.44 0.79
CA PRO B 122 -6.01 -23.49 -0.22
C PRO B 122 -7.19 -24.43 0.05
N GLY B 123 -8.00 -24.71 -0.98
CA GLY B 123 -9.19 -25.59 -0.90
C GLY B 123 -10.46 -24.83 -0.56
N ASP B 124 -10.35 -23.55 -0.18
CA ASP B 124 -11.51 -22.70 0.18
C ASP B 124 -12.22 -22.25 -1.10
N HIS B 125 -13.52 -21.97 -0.98
CA HIS B 125 -14.41 -21.50 -2.07
C HIS B 125 -14.85 -20.07 -1.77
N CYS B 126 -14.97 -19.24 -2.80
CA CYS B 126 -15.39 -17.82 -2.70
C CYS B 126 -16.37 -17.50 -3.82
N LEU B 127 -17.60 -17.10 -3.45
CA LEU B 127 -18.64 -16.63 -4.40
C LEU B 127 -18.46 -15.13 -4.60
N VAL B 128 -18.29 -14.69 -5.86
CA VAL B 128 -18.14 -13.26 -6.24
C VAL B 128 -19.16 -12.96 -7.34
N THR B 129 -19.75 -11.76 -7.30
CA THR B 129 -20.68 -11.24 -8.34
C THR B 129 -19.94 -11.27 -9.69
N ASN B 130 -20.60 -11.79 -10.74
CA ASN B 130 -20.00 -11.98 -12.09
C ASN B 130 -19.81 -10.61 -12.76
N CYS B 131 -20.54 -9.59 -12.31
CA CYS B 131 -20.40 -8.17 -12.74
C CYS B 131 -19.66 -7.38 -11.66
N SER B 132 -18.65 -7.99 -11.03
CA SER B 132 -17.72 -7.33 -10.06
C SER B 132 -16.89 -6.27 -10.79
N TYR B 133 -16.26 -5.37 -10.04
CA TYR B 133 -15.24 -4.43 -10.56
C TYR B 133 -14.14 -5.27 -11.25
N GLY B 134 -13.69 -4.80 -12.43
CA GLY B 134 -12.75 -5.53 -13.31
C GLY B 134 -11.49 -6.00 -12.57
N GLY B 135 -10.89 -5.10 -11.78
CA GLY B 135 -9.67 -5.38 -10.99
C GLY B 135 -9.88 -6.49 -9.97
N THR B 136 -11.02 -6.46 -9.27
CA THR B 136 -11.44 -7.48 -8.27
C THR B 136 -11.54 -8.85 -8.95
N ASN B 137 -12.15 -8.88 -10.14
CA ASN B 137 -12.31 -10.08 -11.00
C ASN B 137 -10.92 -10.66 -11.31
N ARG B 138 -9.95 -9.80 -11.65
CA ARG B 138 -8.60 -10.21 -12.11
C ARG B 138 -7.72 -10.67 -10.94
N CYS B 139 -7.74 -9.96 -9.81
CA CYS B 139 -6.94 -10.31 -8.61
C CYS B 139 -7.37 -11.69 -8.09
N ALA B 140 -8.64 -12.05 -8.29
CA ALA B 140 -9.20 -13.40 -8.01
C ALA B 140 -8.68 -14.40 -9.04
N ARG B 141 -9.03 -14.20 -10.31
CA ARG B 141 -8.77 -15.14 -11.44
C ARG B 141 -7.27 -15.33 -11.66
N LEU B 142 -6.50 -14.24 -11.69
CA LEU B 142 -5.11 -14.22 -12.23
C LEU B 142 -4.07 -14.26 -11.10
N HIS B 143 -4.46 -14.29 -9.82
CA HIS B 143 -3.50 -14.33 -8.68
C HIS B 143 -3.90 -15.36 -7.62
N PHE B 144 -4.98 -15.11 -6.86
CA PHE B 144 -5.35 -15.90 -5.67
C PHE B 144 -5.74 -17.33 -6.07
N SER B 145 -6.17 -17.55 -7.31
CA SER B 145 -6.53 -18.89 -7.85
C SER B 145 -5.30 -19.81 -7.89
N LYS B 146 -4.09 -19.23 -7.92
CA LYS B 146 -2.81 -20.00 -7.96
C LYS B 146 -2.55 -20.63 -6.58
N TYR B 147 -3.25 -20.19 -5.54
CA TYR B 147 -3.17 -20.78 -4.16
C TYR B 147 -4.23 -21.88 -3.99
N ASN B 148 -4.80 -22.37 -5.09
CA ASN B 148 -5.83 -23.46 -5.09
C ASN B 148 -7.08 -22.96 -4.34
N ILE B 149 -7.39 -21.67 -4.47
CA ILE B 149 -8.66 -21.04 -3.97
C ILE B 149 -9.65 -21.00 -5.15
N ASP B 150 -10.82 -21.59 -4.98
CA ASP B 150 -11.87 -21.68 -6.03
C ASP B 150 -12.76 -20.44 -5.95
N PHE B 151 -12.64 -19.53 -6.93
CA PHE B 151 -13.54 -18.37 -7.14
C PHE B 151 -14.59 -18.75 -8.17
N GLU B 152 -15.87 -18.64 -7.79
CA GLU B 152 -17.03 -18.92 -8.68
C GLU B 152 -17.81 -17.61 -8.87
N PHE B 153 -18.02 -17.23 -10.13
CA PHE B 153 -18.66 -15.95 -10.56
C PHE B 153 -20.12 -16.24 -10.91
N ILE B 154 -21.06 -15.71 -10.12
CA ILE B 154 -22.53 -15.97 -10.26
C ILE B 154 -23.30 -14.66 -10.29
N ASP B 155 -24.58 -14.74 -10.69
CA ASP B 155 -25.55 -13.62 -10.77
C ASP B 155 -26.16 -13.40 -9.37
N PHE B 156 -25.84 -12.26 -8.75
CA PHE B 156 -26.23 -11.90 -7.35
C PHE B 156 -27.61 -11.22 -7.32
N ARG B 157 -28.23 -10.98 -8.49
CA ARG B 157 -29.56 -10.31 -8.60
C ARG B 157 -30.65 -11.17 -7.96
N ASP B 158 -30.48 -12.49 -7.99
CA ASP B 158 -31.38 -13.48 -7.30
C ASP B 158 -30.62 -14.07 -6.12
N PRO B 159 -31.00 -13.74 -4.86
CA PRO B 159 -30.32 -14.26 -3.67
C PRO B 159 -30.24 -15.80 -3.60
N THR B 160 -31.19 -16.50 -4.21
CA THR B 160 -31.28 -17.99 -4.19
C THR B 160 -30.12 -18.59 -4.99
N ASN B 161 -29.59 -17.85 -5.99
CA ASN B 161 -28.35 -18.19 -6.72
C ASN B 161 -27.19 -18.34 -5.72
N VAL B 162 -27.09 -17.42 -4.75
CA VAL B 162 -26.03 -17.41 -3.70
C VAL B 162 -26.24 -18.62 -2.80
N GLU B 163 -27.46 -18.81 -2.29
CA GLU B 163 -27.84 -19.89 -1.34
C GLU B 163 -27.51 -21.27 -1.94
N LYS B 164 -27.75 -21.43 -3.24
CA LYS B 164 -27.60 -22.72 -3.98
C LYS B 164 -26.14 -22.95 -4.38
N ALA B 165 -25.33 -21.89 -4.46
CA ALA B 165 -23.93 -21.93 -4.92
C ALA B 165 -22.98 -22.15 -3.73
N ILE B 166 -23.43 -21.90 -2.50
CA ILE B 166 -22.61 -22.05 -1.27
C ILE B 166 -22.28 -23.53 -1.06
N ARG B 167 -20.99 -23.83 -0.86
CA ARG B 167 -20.45 -25.19 -0.58
C ARG B 167 -20.01 -25.24 0.88
N PRO B 168 -19.69 -26.44 1.42
CA PRO B 168 -19.05 -26.54 2.74
C PRO B 168 -17.70 -25.81 2.83
N GLN B 169 -17.03 -25.58 1.69
CA GLN B 169 -15.69 -24.92 1.61
C GLN B 169 -15.84 -23.40 1.43
N THR B 170 -17.06 -22.88 1.25
CA THR B 170 -17.32 -21.43 1.02
C THR B 170 -16.99 -20.66 2.30
N LYS B 171 -16.04 -19.72 2.24
CA LYS B 171 -15.63 -18.88 3.39
C LYS B 171 -16.12 -17.44 3.19
N VAL B 172 -16.18 -16.96 1.95
CA VAL B 172 -16.53 -15.55 1.61
C VAL B 172 -17.58 -15.54 0.50
N VAL B 173 -18.65 -14.78 0.69
CA VAL B 173 -19.57 -14.31 -0.37
C VAL B 173 -19.30 -12.82 -0.58
N PHE B 174 -18.80 -12.44 -1.76
CA PHE B 174 -18.34 -11.07 -2.09
C PHE B 174 -19.35 -10.42 -3.04
N SER B 175 -20.26 -9.62 -2.48
CA SER B 175 -21.30 -8.86 -3.23
C SER B 175 -20.76 -7.48 -3.59
N GLU B 176 -21.39 -6.83 -4.57
CA GLU B 176 -21.12 -5.44 -4.99
C GLU B 176 -22.45 -4.83 -5.46
N SER B 177 -22.84 -3.67 -4.93
CA SER B 177 -24.17 -3.04 -5.18
C SER B 177 -24.09 -1.54 -4.98
N PRO B 178 -24.42 -0.70 -6.00
CA PRO B 178 -24.57 -1.16 -7.38
C PRO B 178 -23.26 -1.74 -7.95
N CYS B 179 -23.39 -2.64 -8.92
N CYS B 179 -23.37 -2.65 -8.93
CA CYS B 179 -22.27 -3.36 -9.60
CA CYS B 179 -22.23 -3.38 -9.53
C CYS B 179 -21.60 -2.45 -10.63
C CYS B 179 -21.62 -2.53 -10.66
N ASN B 180 -20.28 -2.58 -10.78
CA ASN B 180 -19.48 -1.85 -11.80
C ASN B 180 -19.36 -2.76 -13.02
N PRO B 181 -19.74 -2.33 -14.26
CA PRO B 181 -20.37 -1.04 -14.53
C PRO B 181 -21.89 -1.08 -14.83
N THR B 182 -22.52 -2.25 -14.75
CA THR B 182 -23.90 -2.53 -15.22
C THR B 182 -24.94 -1.96 -14.23
N LEU B 183 -24.53 -1.62 -13.00
CA LEU B 183 -25.37 -1.02 -11.93
C LEU B 183 -26.48 -2.00 -11.51
N TYR B 184 -26.28 -3.31 -11.67
CA TYR B 184 -27.13 -4.35 -11.05
C TYR B 184 -27.06 -4.20 -9.53
N LEU B 185 -28.18 -4.45 -8.86
CA LEU B 185 -28.28 -4.43 -7.38
C LEU B 185 -28.22 -5.86 -6.86
N ALA B 186 -27.62 -6.04 -5.67
CA ALA B 186 -27.67 -7.26 -4.85
C ALA B 186 -28.51 -6.95 -3.60
N ASP B 187 -29.47 -7.81 -3.28
CA ASP B 187 -30.32 -7.69 -2.06
C ASP B 187 -29.43 -8.05 -0.85
N ILE B 188 -28.81 -7.04 -0.24
CA ILE B 188 -27.75 -7.20 0.81
C ILE B 188 -28.37 -7.88 2.03
N GLU B 189 -29.60 -7.50 2.39
CA GLU B 189 -30.32 -8.02 3.60
C GLU B 189 -30.62 -9.52 3.40
N ALA B 190 -31.12 -9.90 2.23
CA ALA B 190 -31.47 -11.30 1.88
C ALA B 190 -30.20 -12.15 1.82
N ILE B 191 -29.15 -11.67 1.17
CA ILE B 191 -27.84 -12.37 1.02
C ILE B 191 -27.19 -12.52 2.41
N SER B 192 -27.30 -11.50 3.27
CA SER B 192 -26.79 -11.51 4.66
C SER B 192 -27.48 -12.61 5.46
N GLN B 193 -28.80 -12.75 5.31
CA GLN B 193 -29.61 -13.77 6.04
C GLN B 193 -29.14 -15.17 5.63
N ILE B 194 -28.95 -15.40 4.33
CA ILE B 194 -28.43 -16.68 3.75
C ILE B 194 -27.03 -16.96 4.35
N CYS B 195 -26.15 -15.96 4.33
CA CYS B 195 -24.72 -16.07 4.75
C CYS B 195 -24.63 -16.35 6.26
N LYS B 196 -25.50 -15.73 7.07
CA LYS B 196 -25.57 -15.95 8.54
C LYS B 196 -26.03 -17.38 8.83
N GLU B 197 -27.01 -17.89 8.07
CA GLU B 197 -27.60 -19.25 8.22
C GLU B 197 -26.54 -20.30 7.87
N LYS B 198 -25.76 -20.05 6.81
CA LYS B 198 -24.67 -20.96 6.32
C LYS B 198 -23.34 -20.63 7.02
N LYS B 199 -23.31 -19.61 7.88
CA LYS B 199 -22.11 -19.15 8.64
C LYS B 199 -20.96 -18.91 7.67
N VAL B 200 -21.22 -18.11 6.63
CA VAL B 200 -20.23 -17.63 5.62
C VAL B 200 -20.08 -16.11 5.82
N LEU B 201 -18.86 -15.58 5.64
CA LEU B 201 -18.59 -14.12 5.70
C LEU B 201 -19.21 -13.45 4.48
N HIS B 202 -20.14 -12.51 4.70
CA HIS B 202 -20.69 -11.63 3.63
C HIS B 202 -19.87 -10.34 3.58
N VAL B 203 -19.06 -10.19 2.53
CA VAL B 203 -18.29 -8.97 2.21
C VAL B 203 -19.05 -8.23 1.12
N CYS B 204 -19.30 -6.94 1.30
CA CYS B 204 -20.02 -6.07 0.31
C CYS B 204 -19.14 -4.89 -0.08
N ASP B 205 -18.86 -4.78 -1.39
CA ASP B 205 -18.22 -3.59 -2.01
C ASP B 205 -19.33 -2.60 -2.39
N SER B 206 -19.57 -1.59 -1.54
CA SER B 206 -20.62 -0.56 -1.71
C SER B 206 -20.00 0.77 -2.16
N THR B 207 -18.89 0.72 -2.90
CA THR B 207 -18.16 1.90 -3.44
C THR B 207 -19.13 2.79 -4.23
N PHE B 208 -19.94 2.19 -5.11
CA PHE B 208 -20.86 2.91 -6.04
C PHE B 208 -22.01 3.56 -5.25
N ALA B 209 -22.40 2.96 -4.12
CA ALA B 209 -23.54 3.41 -3.30
C ALA B 209 -23.14 4.59 -2.42
N THR B 210 -21.99 4.50 -1.75
CA THR B 210 -21.57 5.36 -0.61
C THR B 210 -22.47 5.04 0.59
N PRO B 211 -21.98 5.23 1.84
CA PRO B 211 -22.81 5.01 3.03
C PRO B 211 -23.99 5.99 3.15
N TYR B 212 -24.02 7.05 2.35
CA TYR B 212 -25.13 8.03 2.29
C TYR B 212 -26.36 7.40 1.64
N MET B 213 -26.16 6.48 0.68
CA MET B 213 -27.27 5.80 -0.04
C MET B 213 -27.56 4.41 0.56
N MET B 214 -26.52 3.64 0.92
N MET B 214 -26.52 3.66 0.94
CA MET B 214 -26.69 2.28 1.48
CA MET B 214 -26.65 2.27 1.46
C MET B 214 -25.48 1.89 2.33
C MET B 214 -25.46 1.92 2.35
N ARG B 215 -25.74 1.45 3.58
CA ARG B 215 -24.75 0.94 4.55
C ARG B 215 -24.94 -0.56 4.70
N PRO B 216 -24.17 -1.42 3.98
CA PRO B 216 -24.37 -2.86 4.03
C PRO B 216 -24.30 -3.48 5.44
N LEU B 217 -23.54 -2.87 6.37
CA LEU B 217 -23.43 -3.34 7.78
C LEU B 217 -24.79 -3.22 8.48
N ASP B 218 -25.58 -2.20 8.15
CA ASP B 218 -26.96 -2.02 8.67
C ASP B 218 -27.87 -3.14 8.14
N LEU B 219 -27.52 -3.73 6.99
CA LEU B 219 -28.33 -4.77 6.30
C LEU B 219 -27.74 -6.17 6.55
N GLY B 220 -26.84 -6.32 7.53
CA GLY B 220 -26.39 -7.64 8.04
C GLY B 220 -25.08 -8.12 7.43
N ALA B 221 -24.44 -7.33 6.55
CA ALA B 221 -23.11 -7.66 5.98
C ALA B 221 -22.08 -7.72 7.10
N ASP B 222 -21.13 -8.66 7.02
CA ASP B 222 -20.07 -8.88 8.04
C ASP B 222 -18.94 -7.87 7.82
N ILE B 223 -18.60 -7.59 6.55
CA ILE B 223 -17.50 -6.67 6.15
C ILE B 223 -17.99 -5.79 5.00
N VAL B 224 -17.60 -4.51 5.02
CA VAL B 224 -17.75 -3.58 3.87
C VAL B 224 -16.35 -3.22 3.35
N VAL B 225 -16.19 -3.24 2.02
CA VAL B 225 -14.97 -2.75 1.33
C VAL B 225 -15.35 -1.48 0.57
N GLN B 226 -14.57 -0.41 0.75
CA GLN B 226 -14.72 0.87 0.02
C GLN B 226 -13.42 1.16 -0.74
N SER B 227 -13.53 1.53 -2.01
CA SER B 227 -12.53 2.38 -2.70
C SER B 227 -12.81 3.84 -2.30
N THR B 228 -12.05 4.37 -1.34
CA THR B 228 -12.21 5.77 -0.85
C THR B 228 -11.76 6.73 -1.95
N THR B 229 -10.99 6.23 -2.91
CA THR B 229 -10.60 6.92 -4.18
C THR B 229 -11.82 7.59 -4.83
N LYS B 230 -12.96 6.90 -4.86
CA LYS B 230 -14.13 7.28 -5.70
C LYS B 230 -14.90 8.43 -5.04
N TYR B 231 -15.83 8.13 -4.12
CA TYR B 231 -16.80 9.12 -3.57
C TYR B 231 -16.31 9.72 -2.25
N TYR B 232 -15.67 8.93 -1.38
CA TYR B 232 -15.09 9.42 -0.10
C TYR B 232 -14.19 10.63 -0.39
N ASP B 233 -13.29 10.47 -1.36
CA ASP B 233 -12.43 11.54 -1.90
C ASP B 233 -13.29 12.47 -2.77
N GLY B 234 -13.79 11.96 -3.90
CA GLY B 234 -14.72 12.69 -4.80
C GLY B 234 -14.08 13.89 -5.47
N HIS B 235 -12.75 14.02 -5.44
CA HIS B 235 -12.01 15.17 -6.01
C HIS B 235 -10.89 14.71 -6.95
N ASN B 236 -10.82 13.42 -7.29
CA ASN B 236 -9.79 12.82 -8.19
C ASN B 236 -8.39 13.08 -7.61
N CYS B 237 -8.28 13.21 -6.28
CA CYS B 237 -7.08 13.72 -5.59
C CYS B 237 -6.20 12.54 -5.10
N THR B 238 -6.78 11.61 -4.35
CA THR B 238 -6.04 10.53 -3.64
C THR B 238 -6.56 9.15 -4.03
N LEU B 239 -5.68 8.14 -3.97
CA LEU B 239 -6.05 6.71 -3.93
C LEU B 239 -6.28 6.32 -2.47
N GLY B 240 -7.20 5.40 -2.22
CA GLY B 240 -7.46 4.89 -0.86
C GLY B 240 -8.44 3.73 -0.84
N GLY B 241 -8.37 2.93 0.21
CA GLY B 241 -9.30 1.84 0.50
C GLY B 241 -9.66 1.81 1.97
N ALA B 242 -10.82 1.27 2.28
CA ALA B 242 -11.27 1.03 3.67
C ALA B 242 -11.91 -0.36 3.75
N VAL B 243 -11.59 -1.08 4.82
CA VAL B 243 -12.33 -2.29 5.26
C VAL B 243 -13.01 -1.94 6.58
N ILE B 244 -14.35 -1.94 6.60
CA ILE B 244 -15.16 -1.70 7.83
C ILE B 244 -15.69 -3.05 8.30
N SER B 245 -15.33 -3.45 9.51
CA SER B 245 -15.64 -4.77 10.12
C SER B 245 -16.82 -4.63 11.09
N SER B 246 -17.73 -5.61 11.07
CA SER B 246 -18.93 -5.69 11.93
C SER B 246 -18.54 -6.02 13.38
N THR B 247 -17.44 -6.75 13.57
CA THR B 247 -17.00 -7.30 14.88
C THR B 247 -15.52 -6.99 15.14
N LYS B 248 -15.10 -7.07 16.41
CA LYS B 248 -13.70 -6.88 16.87
C LYS B 248 -12.82 -7.99 16.30
N GLU B 249 -13.33 -9.23 16.27
CA GLU B 249 -12.57 -10.44 15.85
C GLU B 249 -12.16 -10.29 14.38
N ILE B 250 -13.09 -9.85 13.52
CA ILE B 250 -12.85 -9.59 12.07
C ILE B 250 -11.87 -8.41 11.93
N HIS B 251 -12.13 -7.32 12.65
CA HIS B 251 -11.31 -6.07 12.63
C HIS B 251 -9.85 -6.40 12.98
N ASP B 252 -9.63 -7.18 14.05
CA ASP B 252 -8.27 -7.52 14.56
C ASP B 252 -7.50 -8.33 13.52
N LYS B 253 -8.17 -9.25 12.82
CA LYS B 253 -7.58 -10.09 11.75
C LYS B 253 -7.16 -9.19 10.57
N VAL B 254 -8.00 -8.22 10.19
CA VAL B 254 -7.74 -7.27 9.06
C VAL B 254 -6.57 -6.36 9.46
N PHE B 255 -6.58 -5.84 10.69
CA PHE B 255 -5.53 -4.95 11.25
C PHE B 255 -4.18 -5.66 11.24
N PHE B 256 -4.14 -6.88 11.77
CA PHE B 256 -2.92 -7.73 11.87
C PHE B 256 -2.33 -7.92 10.46
N LEU B 257 -3.15 -8.34 9.50
CA LEU B 257 -2.67 -8.69 8.14
C LEU B 257 -2.26 -7.43 7.38
N ARG B 258 -2.90 -6.29 7.63
CA ARG B 258 -2.53 -5.00 7.02
C ARG B 258 -1.08 -4.67 7.40
N ASN B 259 -0.72 -4.85 8.68
CA ASN B 259 0.64 -4.60 9.21
C ASN B 259 1.64 -5.50 8.48
N VAL B 260 1.25 -6.73 8.19
CA VAL B 260 2.07 -7.76 7.48
C VAL B 260 2.19 -7.38 5.99
N MET B 261 1.06 -7.04 5.35
CA MET B 261 0.99 -6.75 3.89
C MET B 261 1.66 -5.39 3.60
N GLY B 262 1.76 -4.52 4.60
CA GLY B 262 2.38 -3.19 4.49
C GLY B 262 1.64 -2.30 3.50
N ASN B 263 0.32 -2.39 3.45
CA ASN B 263 -0.54 -1.67 2.47
C ASN B 263 -1.41 -0.64 3.19
N ILE B 264 -0.97 -0.14 4.36
CA ILE B 264 -1.70 0.93 5.11
C ILE B 264 -1.74 2.20 4.26
N MET B 265 -2.77 3.01 4.46
CA MET B 265 -2.93 4.38 3.91
C MET B 265 -1.88 5.29 4.56
N SER B 266 -1.38 6.27 3.81
CA SER B 266 -0.43 7.31 4.30
C SER B 266 -1.22 8.37 5.09
N ALA B 267 -0.55 9.05 6.04
CA ALA B 267 -1.14 10.14 6.86
C ALA B 267 -1.67 11.26 5.95
N GLN B 268 -0.93 11.62 4.90
CA GLN B 268 -1.30 12.74 3.98
C GLN B 268 -2.61 12.38 3.26
N THR B 269 -2.71 11.16 2.72
CA THR B 269 -3.94 10.65 2.06
C THR B 269 -5.12 10.70 3.04
N ALA B 270 -4.92 10.26 4.28
CA ALA B 270 -5.94 10.23 5.34
C ALA B 270 -6.43 11.65 5.65
N PHE B 271 -5.51 12.62 5.70
CA PHE B 271 -5.84 14.05 5.92
C PHE B 271 -6.75 14.56 4.79
N TYR B 272 -6.34 14.34 3.53
CA TYR B 272 -7.13 14.69 2.33
C TYR B 272 -8.55 14.12 2.46
N THR B 273 -8.66 12.82 2.76
CA THR B 273 -9.94 12.06 2.83
C THR B 273 -10.76 12.53 4.04
N LEU B 274 -10.11 12.87 5.16
CA LEU B 274 -10.78 13.45 6.36
C LEU B 274 -11.48 14.76 5.95
N LEU B 275 -10.86 15.55 5.08
CA LEU B 275 -11.40 16.85 4.58
C LEU B 275 -12.55 16.61 3.59
N THR B 276 -12.35 15.74 2.59
CA THR B 276 -13.32 15.54 1.48
C THR B 276 -14.58 14.81 1.96
N LEU B 277 -14.47 13.93 2.97
CA LEU B 277 -15.63 13.16 3.52
C LEU B 277 -16.68 14.14 4.09
N LYS B 278 -16.25 15.31 4.54
CA LYS B 278 -17.11 16.33 5.21
C LYS B 278 -18.24 16.75 4.27
N THR B 279 -17.99 16.79 2.95
CA THR B 279 -18.95 17.27 1.92
C THR B 279 -19.57 16.11 1.13
N LEU B 280 -19.34 14.85 1.50
CA LEU B 280 -19.87 13.68 0.73
C LEU B 280 -21.38 13.80 0.60
N PRO B 281 -22.15 14.02 1.70
CA PRO B 281 -23.61 14.16 1.59
C PRO B 281 -24.06 15.21 0.55
N ILE B 282 -23.53 16.43 0.60
CA ILE B 282 -23.95 17.53 -0.31
C ILE B 282 -23.44 17.24 -1.74
N ARG B 283 -22.27 16.63 -1.88
CA ARG B 283 -21.72 16.23 -3.21
C ARG B 283 -22.67 15.19 -3.84
N VAL B 284 -22.96 14.11 -3.10
CA VAL B 284 -23.75 12.95 -3.63
C VAL B 284 -25.18 13.42 -3.96
N GLU B 285 -25.76 14.31 -3.15
CA GLU B 285 -27.10 14.90 -3.40
C GLU B 285 -27.08 15.64 -4.75
N LYS B 286 -26.04 16.43 -5.00
CA LYS B 286 -25.89 17.23 -6.25
C LYS B 286 -25.66 16.29 -7.45
N GLN B 287 -24.72 15.35 -7.31
CA GLN B 287 -24.39 14.36 -8.36
C GLN B 287 -25.65 13.55 -8.74
N SER B 288 -26.40 13.12 -7.73
CA SER B 288 -27.61 12.26 -7.89
C SER B 288 -28.73 13.04 -8.58
N ALA B 289 -28.91 14.32 -8.23
CA ALA B 289 -29.90 15.24 -8.85
C ALA B 289 -29.56 15.44 -10.32
N ASN B 290 -28.27 15.66 -10.63
CA ASN B 290 -27.75 15.77 -12.02
C ASN B 290 -27.99 14.45 -12.76
N ALA B 291 -27.68 13.31 -12.13
CA ALA B 291 -27.77 11.95 -12.71
C ALA B 291 -29.22 11.65 -13.11
N GLN B 292 -30.17 11.91 -12.21
CA GLN B 292 -31.63 11.74 -12.45
C GLN B 292 -32.01 12.48 -13.75
N LYS B 293 -31.61 13.75 -13.86
CA LYS B 293 -31.94 14.63 -15.01
C LYS B 293 -31.28 14.10 -16.28
N ILE B 294 -30.02 13.68 -16.21
CA ILE B 294 -29.25 13.12 -17.36
C ILE B 294 -29.90 11.81 -17.82
N ALA B 295 -30.26 10.94 -16.88
CA ALA B 295 -30.91 9.63 -17.16
C ALA B 295 -32.24 9.85 -17.89
N GLU B 296 -33.02 10.83 -17.43
CA GLU B 296 -34.34 11.21 -18.03
C GLU B 296 -34.12 11.74 -19.45
N PHE B 297 -33.10 12.59 -19.66
CA PHE B 297 -32.74 13.15 -20.98
C PHE B 297 -32.36 12.02 -21.95
N LEU B 298 -31.47 11.12 -21.51
CA LEU B 298 -30.94 10.01 -22.34
C LEU B 298 -32.08 9.04 -22.70
N SER B 299 -33.04 8.84 -21.79
CA SER B 299 -34.15 7.87 -21.94
C SER B 299 -35.09 8.28 -23.09
N LYS B 300 -35.06 9.56 -23.49
CA LYS B 300 -35.93 10.13 -24.56
C LYS B 300 -35.12 10.39 -25.84
N HIS B 301 -33.80 10.18 -25.82
CA HIS B 301 -32.91 10.43 -26.98
C HIS B 301 -32.97 9.24 -27.95
N HIS B 302 -33.19 9.52 -29.24
CA HIS B 302 -33.48 8.52 -30.30
C HIS B 302 -32.24 7.67 -30.61
N LYS B 303 -31.03 8.20 -30.36
CA LYS B 303 -29.74 7.50 -30.63
C LYS B 303 -29.31 6.67 -29.41
N VAL B 304 -30.07 6.71 -28.32
CA VAL B 304 -29.81 5.90 -27.09
C VAL B 304 -30.75 4.69 -27.08
N GLU B 305 -30.18 3.49 -27.02
CA GLU B 305 -30.93 2.20 -27.08
C GLU B 305 -31.51 1.88 -25.69
N HIS B 306 -30.67 1.90 -24.66
CA HIS B 306 -31.05 1.61 -23.25
C HIS B 306 -30.39 2.64 -22.32
N VAL B 307 -31.07 2.96 -21.21
CA VAL B 307 -30.52 3.79 -20.09
C VAL B 307 -30.69 3.00 -18.79
N ILE B 308 -29.61 2.85 -18.02
CA ILE B 308 -29.61 2.19 -16.69
C ILE B 308 -29.33 3.25 -15.63
N TYR B 309 -30.36 3.58 -14.84
CA TYR B 309 -30.25 4.42 -13.62
C TYR B 309 -31.34 3.98 -12.64
N PRO B 310 -31.00 3.69 -11.37
CA PRO B 310 -31.98 3.18 -10.40
C PRO B 310 -33.20 4.08 -10.16
N GLY B 311 -33.14 5.35 -10.58
CA GLY B 311 -34.15 6.39 -10.28
C GLY B 311 -35.17 6.62 -11.39
N ILE B 312 -35.01 5.97 -12.55
CA ILE B 312 -35.97 6.08 -13.69
C ILE B 312 -36.83 4.81 -13.73
N PRO B 313 -38.10 4.91 -14.21
CA PRO B 313 -39.05 3.78 -14.14
C PRO B 313 -38.60 2.50 -14.87
N SER B 314 -37.72 2.62 -15.88
CA SER B 314 -37.27 1.50 -16.75
C SER B 314 -36.22 0.62 -16.04
N PHE B 315 -35.76 1.00 -14.84
CA PHE B 315 -34.74 0.25 -14.07
C PHE B 315 -35.31 -1.12 -13.68
N PRO B 316 -34.69 -2.24 -14.12
CA PRO B 316 -35.25 -3.58 -13.87
C PRO B 316 -35.47 -3.93 -12.40
N GLN B 317 -34.61 -3.45 -11.49
CA GLN B 317 -34.65 -3.77 -10.04
C GLN B 317 -35.16 -2.56 -9.25
N LYS B 318 -36.24 -1.92 -9.71
CA LYS B 318 -36.76 -0.66 -9.09
C LYS B 318 -37.29 -0.96 -7.69
N GLU B 319 -37.92 -2.13 -7.49
CA GLU B 319 -38.47 -2.57 -6.18
C GLU B 319 -37.36 -2.63 -5.13
N LEU B 320 -36.23 -3.28 -5.46
CA LEU B 320 -35.07 -3.43 -4.54
C LEU B 320 -34.40 -2.05 -4.33
N ALA B 321 -34.29 -1.24 -5.39
CA ALA B 321 -33.69 0.12 -5.35
C ALA B 321 -34.43 0.99 -4.32
N LEU B 322 -35.77 0.94 -4.34
CA LEU B 322 -36.64 1.75 -3.43
C LEU B 322 -36.53 1.22 -1.99
N LYS B 323 -36.31 -0.08 -1.81
CA LYS B 323 -36.17 -0.74 -0.49
C LYS B 323 -34.77 -0.45 0.10
N GLN B 324 -33.75 -0.40 -0.75
CA GLN B 324 -32.32 -0.53 -0.35
C GLN B 324 -31.60 0.83 -0.37
N HIS B 325 -32.02 1.76 -1.25
CA HIS B 325 -31.37 3.08 -1.43
C HIS B 325 -32.04 4.12 -0.53
N LYS B 326 -31.24 4.87 0.23
CA LYS B 326 -31.67 6.00 1.09
C LYS B 326 -31.28 7.31 0.39
N ASN B 327 -32.15 8.32 0.46
CA ASN B 327 -31.87 9.75 0.11
C ASN B 327 -31.83 9.94 -1.41
N VAL B 328 -31.08 9.11 -2.14
CA VAL B 328 -30.72 9.32 -3.56
C VAL B 328 -30.63 7.96 -4.29
N HIS B 329 -30.40 7.99 -5.60
CA HIS B 329 -30.14 6.81 -6.46
C HIS B 329 -28.72 6.87 -7.06
N GLY B 330 -27.89 7.84 -6.61
CA GLY B 330 -26.44 7.85 -6.85
C GLY B 330 -26.05 8.65 -8.08
N GLY B 331 -24.73 8.83 -8.28
CA GLY B 331 -24.15 9.64 -9.37
C GLY B 331 -23.73 8.79 -10.56
N MET B 332 -23.82 7.46 -10.45
CA MET B 332 -23.47 6.52 -11.53
C MET B 332 -24.71 6.21 -12.37
N LEU B 333 -24.58 6.32 -13.69
CA LEU B 333 -25.59 5.82 -14.67
C LEU B 333 -24.84 5.19 -15.85
N ALA B 334 -25.54 4.35 -16.61
CA ALA B 334 -25.02 3.71 -17.84
C ALA B 334 -26.08 3.84 -18.93
N PHE B 335 -25.66 3.77 -20.20
CA PHE B 335 -26.57 3.72 -21.37
C PHE B 335 -25.86 3.00 -22.52
N GLU B 336 -26.66 2.45 -23.44
CA GLU B 336 -26.20 1.81 -24.68
C GLU B 336 -26.59 2.73 -25.85
N VAL B 337 -25.60 3.15 -26.64
CA VAL B 337 -25.81 3.96 -27.88
C VAL B 337 -26.11 2.99 -29.03
N LYS B 338 -27.07 3.35 -29.89
CA LYS B 338 -27.47 2.55 -31.09
C LYS B 338 -26.31 2.56 -32.09
N GLY B 339 -26.10 1.44 -32.79
CA GLY B 339 -25.04 1.28 -33.80
C GLY B 339 -23.80 0.59 -33.25
N GLY B 340 -23.89 0.01 -32.05
CA GLY B 340 -22.86 -0.85 -31.45
C GLY B 340 -21.57 -0.11 -31.14
N THR B 341 -20.43 -0.77 -31.36
CA THR B 341 -19.07 -0.34 -30.90
C THR B 341 -18.64 0.93 -31.65
N GLU B 342 -18.73 0.93 -32.98
CA GLU B 342 -18.30 2.05 -33.86
C GLU B 342 -18.93 3.36 -33.37
N ALA B 343 -20.25 3.35 -33.14
CA ALA B 343 -21.06 4.50 -32.68
C ALA B 343 -20.58 4.94 -31.28
N GLY B 344 -20.39 3.97 -30.37
CA GLY B 344 -19.85 4.19 -29.03
C GLY B 344 -18.53 4.94 -29.06
N ILE B 345 -17.62 4.53 -29.95
CA ILE B 345 -16.25 5.11 -30.10
C ILE B 345 -16.38 6.54 -30.66
N ARG B 346 -17.16 6.73 -31.72
CA ARG B 346 -17.40 8.05 -32.35
C ARG B 346 -17.94 9.03 -31.30
N MET B 347 -18.85 8.56 -30.44
CA MET B 347 -19.45 9.37 -29.36
C MET B 347 -18.38 9.76 -28.33
N MET B 348 -17.63 8.77 -27.82
CA MET B 348 -16.55 8.96 -26.81
C MET B 348 -15.52 9.98 -27.31
N ASN B 349 -15.16 9.90 -28.60
CA ASN B 349 -14.11 10.75 -29.22
C ASN B 349 -14.61 12.19 -29.37
N HIS B 350 -15.92 12.43 -29.28
CA HIS B 350 -16.54 13.77 -29.51
C HIS B 350 -17.33 14.25 -28.28
N VAL B 351 -17.12 13.63 -27.10
CA VAL B 351 -17.71 14.13 -25.83
C VAL B 351 -16.91 15.34 -25.37
N PRO B 352 -17.48 16.57 -25.41
CA PRO B 352 -16.71 17.76 -25.11
C PRO B 352 -16.61 18.05 -23.60
N ARG B 353 -15.79 19.03 -23.24
CA ARG B 353 -15.71 19.60 -21.88
C ARG B 353 -17.12 20.13 -21.55
N PRO B 354 -17.59 20.06 -20.28
CA PRO B 354 -16.75 19.73 -19.14
C PRO B 354 -16.57 18.23 -18.82
N TRP B 355 -17.03 17.33 -19.69
CA TRP B 355 -16.79 15.87 -19.56
C TRP B 355 -15.28 15.59 -19.66
N SER B 356 -14.81 14.57 -18.93
CA SER B 356 -13.44 14.02 -19.01
C SER B 356 -13.55 12.57 -19.49
N LEU B 357 -12.85 12.22 -20.57
CA LEU B 357 -12.73 10.84 -21.09
C LEU B 357 -11.58 10.15 -20.35
N CYS B 358 -11.88 9.32 -19.35
CA CYS B 358 -10.88 8.66 -18.48
C CYS B 358 -11.53 7.57 -17.63
N GLU B 359 -10.69 6.82 -16.89
CA GLU B 359 -11.11 5.81 -15.89
C GLU B 359 -11.46 6.53 -14.59
N SER B 360 -11.96 5.78 -13.61
CA SER B 360 -12.37 6.25 -12.26
C SER B 360 -13.77 6.89 -12.33
N LEU B 361 -14.27 7.33 -11.18
CA LEU B 361 -15.69 7.78 -11.00
C LEU B 361 -15.84 8.39 -9.61
N GLY B 362 -17.02 8.97 -9.34
CA GLY B 362 -17.44 9.47 -8.02
C GLY B 362 -16.92 10.87 -7.73
N ALA B 363 -16.33 11.55 -8.72
CA ALA B 363 -15.62 12.84 -8.55
C ALA B 363 -16.56 14.01 -8.87
N CYS B 364 -16.20 15.20 -8.39
CA CYS B 364 -16.82 16.51 -8.73
C CYS B 364 -16.80 16.71 -10.26
N GLU B 365 -15.74 16.22 -10.91
CA GLU B 365 -15.56 16.26 -12.38
C GLU B 365 -16.31 15.08 -13.01
N SER B 366 -17.30 15.37 -13.86
CA SER B 366 -18.07 14.36 -14.62
C SER B 366 -17.11 13.55 -15.50
N ILE B 367 -17.18 12.23 -15.41
CA ILE B 367 -16.29 11.27 -16.13
C ILE B 367 -17.17 10.34 -16.98
N ILE B 368 -16.73 10.05 -18.20
CA ILE B 368 -17.41 9.13 -19.14
C ILE B 368 -16.35 8.15 -19.67
N THR B 369 -16.70 6.86 -19.77
CA THR B 369 -15.79 5.77 -20.21
C THR B 369 -16.58 4.71 -20.98
N CYS B 370 -15.91 4.07 -21.94
CA CYS B 370 -16.36 2.83 -22.62
C CYS B 370 -15.66 1.65 -21.95
N PRO B 371 -16.31 0.93 -21.01
CA PRO B 371 -15.64 -0.13 -20.25
C PRO B 371 -15.10 -1.29 -21.08
N ALA B 372 -15.41 -1.34 -22.38
CA ALA B 372 -14.96 -2.39 -23.34
C ALA B 372 -13.44 -2.29 -23.58
N VAL B 373 -12.88 -1.08 -23.59
CA VAL B 373 -11.46 -0.81 -23.99
C VAL B 373 -10.69 -0.11 -22.85
N PHE B 374 -11.34 0.20 -21.73
CA PHE B 374 -10.75 0.95 -20.58
C PHE B 374 -10.57 0.02 -19.38
N THR B 375 -11.68 -0.36 -18.77
CA THR B 375 -11.71 -1.07 -17.51
C THR B 375 -11.94 -2.57 -17.58
N HIS B 376 -12.80 -2.99 -18.47
CA HIS B 376 -13.12 -4.41 -18.76
C HIS B 376 -12.68 -4.77 -20.18
N ALA B 377 -11.38 -4.62 -20.48
CA ALA B 377 -10.74 -4.96 -21.78
C ALA B 377 -10.09 -6.35 -21.71
N ASN B 378 -9.69 -6.79 -20.51
CA ASN B 378 -9.02 -8.10 -20.28
C ASN B 378 -10.07 -9.24 -20.37
N MET B 379 -11.35 -8.92 -20.18
CA MET B 379 -12.48 -9.88 -20.35
C MET B 379 -12.81 -10.00 -21.84
N LEU B 380 -12.72 -11.21 -22.40
CA LEU B 380 -13.03 -11.52 -23.83
C LEU B 380 -14.46 -11.10 -24.16
N ARG B 381 -14.71 -10.72 -25.41
CA ARG B 381 -16.00 -10.12 -25.89
C ARG B 381 -17.18 -11.02 -25.52
N GLU B 382 -17.05 -12.34 -25.76
CA GLU B 382 -18.11 -13.35 -25.54
C GLU B 382 -18.63 -13.28 -24.09
N ASP B 383 -17.74 -13.08 -23.12
CA ASP B 383 -18.05 -13.06 -21.67
C ASP B 383 -18.55 -11.67 -21.26
N ARG B 384 -17.92 -10.60 -21.76
CA ARG B 384 -18.28 -9.19 -21.42
C ARG B 384 -19.68 -8.88 -21.95
N LEU B 385 -20.11 -9.54 -23.02
CA LEU B 385 -21.49 -9.50 -23.55
C LEU B 385 -22.41 -10.36 -22.67
N LYS B 386 -21.90 -11.49 -22.19
CA LYS B 386 -22.64 -12.47 -21.33
C LYS B 386 -23.03 -11.82 -20.00
N VAL B 387 -22.19 -10.92 -19.47
CA VAL B 387 -22.36 -10.29 -18.12
C VAL B 387 -23.26 -9.05 -18.24
N GLY B 388 -23.18 -8.30 -19.35
CA GLY B 388 -24.06 -7.15 -19.61
C GLY B 388 -23.36 -5.96 -20.28
N ILE B 389 -22.02 -5.94 -20.30
CA ILE B 389 -21.24 -4.85 -20.97
C ILE B 389 -21.38 -5.05 -22.49
N THR B 390 -22.42 -4.47 -23.08
CA THR B 390 -22.77 -4.58 -24.52
C THR B 390 -21.82 -3.70 -25.34
N ASP B 391 -21.88 -3.82 -26.67
CA ASP B 391 -20.93 -3.20 -27.64
C ASP B 391 -20.91 -1.68 -27.44
N GLY B 392 -22.08 -1.04 -27.39
CA GLY B 392 -22.23 0.42 -27.27
C GLY B 392 -22.45 0.88 -25.84
N PHE B 393 -22.04 0.07 -24.85
CA PHE B 393 -22.27 0.33 -23.40
C PHE B 393 -21.31 1.43 -22.93
N ILE B 394 -21.86 2.46 -22.28
CA ILE B 394 -21.12 3.63 -21.73
C ILE B 394 -21.40 3.74 -20.24
N ARG B 395 -20.35 3.78 -19.41
CA ARG B 395 -20.46 4.08 -17.96
C ARG B 395 -20.24 5.59 -17.76
N VAL B 396 -21.17 6.24 -17.04
CA VAL B 396 -21.16 7.71 -16.79
C VAL B 396 -21.05 7.93 -15.28
N SER B 397 -20.01 8.64 -14.84
CA SER B 397 -19.88 9.20 -13.47
C SER B 397 -20.27 10.68 -13.52
N VAL B 398 -21.41 11.03 -12.92
CA VAL B 398 -21.96 12.41 -12.94
C VAL B 398 -21.31 13.20 -11.80
N GLY B 399 -20.75 14.37 -12.12
CA GLY B 399 -20.13 15.30 -11.17
C GLY B 399 -21.12 16.36 -10.73
N ILE B 400 -20.62 17.52 -10.28
CA ILE B 400 -21.44 18.59 -9.64
C ILE B 400 -21.40 19.85 -10.51
N GLU B 401 -21.05 19.71 -11.79
CA GLU B 401 -21.13 20.81 -12.78
C GLU B 401 -22.61 21.13 -13.03
N ASP B 402 -22.89 22.25 -13.68
CA ASP B 402 -24.26 22.60 -14.15
C ASP B 402 -24.72 21.50 -15.10
N VAL B 403 -25.90 20.92 -14.84
CA VAL B 403 -26.44 19.75 -15.57
C VAL B 403 -26.67 20.11 -17.04
N ASN B 404 -26.94 21.38 -17.36
CA ASN B 404 -27.19 21.86 -18.74
C ASN B 404 -25.91 21.74 -19.58
N ASP B 405 -24.74 21.99 -18.99
CA ASP B 405 -23.42 21.83 -19.67
C ASP B 405 -23.18 20.34 -19.96
N LEU B 406 -23.53 19.47 -19.00
CA LEU B 406 -23.35 18.00 -19.11
C LEU B 406 -24.30 17.42 -20.17
N ILE B 407 -25.56 17.86 -20.19
CA ILE B 407 -26.59 17.38 -21.15
C ILE B 407 -26.23 17.89 -22.56
N ASP B 408 -25.88 19.17 -22.69
CA ASP B 408 -25.48 19.79 -23.99
C ASP B 408 -24.28 19.02 -24.57
N GLY B 409 -23.32 18.62 -23.71
CA GLY B 409 -22.14 17.85 -24.09
C GLY B 409 -22.50 16.46 -24.60
N LEU B 410 -23.31 15.72 -23.86
CA LEU B 410 -23.81 14.37 -24.25
C LEU B 410 -24.61 14.48 -25.55
N ASP B 411 -25.43 15.53 -25.68
CA ASP B 411 -26.29 15.77 -26.86
C ASP B 411 -25.41 15.94 -28.10
N TYR B 412 -24.34 16.74 -28.02
CA TYR B 412 -23.40 16.98 -29.13
C TYR B 412 -22.70 15.66 -29.50
N ALA B 413 -22.16 14.95 -28.50
CA ALA B 413 -21.45 13.67 -28.66
C ALA B 413 -22.36 12.66 -29.37
N LEU B 414 -23.62 12.58 -28.96
CA LEU B 414 -24.63 11.64 -29.53
C LEU B 414 -24.89 11.99 -31.00
N SER B 415 -24.82 13.27 -31.38
CA SER B 415 -25.07 13.76 -32.76
C SER B 415 -24.01 13.19 -33.72
N LYS B 416 -22.85 12.78 -33.20
CA LYS B 416 -21.72 12.25 -34.00
C LYS B 416 -21.72 10.72 -34.03
N ALA B 417 -22.59 10.07 -33.24
CA ALA B 417 -22.70 8.60 -33.12
C ALA B 417 -23.75 8.04 -34.09
#